data_7EC3
#
_entry.id   7EC3
#
_cell.length_a   70.201
_cell.length_b   130.568
_cell.length_c   189.854
_cell.angle_alpha   90.000
_cell.angle_beta   90.000
_cell.angle_gamma   90.000
#
_symmetry.space_group_name_H-M   'P 21 21 21'
#
loop_
_entity.id
_entity.type
_entity.pdbx_description
1 polymer 'Glycosyl transferase, group 1 family protein'
2 polymer 2-acetamido-2-deoxy-alpha-D-glucopyranose-(1-35)-[2-acetamido-2-deoxy-alpha-D-galactopyranose-(1-65)]5,6-DIHYDRO-BENZO[H]CINNOLIN-3-YLAMINE
3 non-polymer "URIDINE-5'-DIPHOSPHATE"
4 non-polymer 2-acetamido-2-deoxy-beta-D-glucopyranose
5 water water
#
loop_
_entity_poly.entity_id
_entity_poly.type
_entity_poly.pdbx_seq_one_letter_code
_entity_poly.pdbx_strand_id
1 'polypeptide(L)'
;AMNYFVGNSLGVNLTGIEKAIINRLNLFKEMGRPAQCVFLSWNRYLYRNAQNYITSSDYINMYDFFQEATYLERNEPFDW
LSYWTDECHYTLKHVENSHDFRIYDQERFLMYAHFQDPKYRILDYVNHFDSQRRKVKRDFYDVRGFLSCSRILVDKQQTL
CEFFYNPEGDTKLEKYFSYKDGKPEVQKIIVYYANKQYFFNNETELGAFFIKQLYQHGDLFFSDRNVYTAPIFNLTPESI
PVVAVLHSTHIKNIDALDSSPFKNVYKAMFENLSRYRAIIVSTEQQKLDVEKRINHTIPVVNIPVGYSETIDTPVQTLDQ
RSVKLISVARYSPEKQLHQQIELIKRLVSYVPKIELHMYGFGSESKKLNELIQKYGLENHVYLRGFLSNLDQEYSDAYLS
LITSNMEGFSLALLESLAHGVPVISYDIKYGPNELITSDFNGYLITKNDEDALFDKVKYVIDHPEVQQRLSKGSLAKAQQ
YSKASLIKQWDQFVRLILEHHHHHH
;
A,C
2 'polypeptide(L)' SDSDSDSD D,G
#
loop_
_chem_comp.id
_chem_comp.type
_chem_comp.name
_chem_comp.formula
NAG D-saccharide, beta linking 2-acetamido-2-deoxy-beta-D-glucopyranose 'C8 H15 N O6'
UDP RNA linking URIDINE-5'-DIPHOSPHATE 'C9 H14 N2 O12 P2'
#
# COMPACT_ATOMS: atom_id res chain seq x y z
N ALA A 1 28.04 5.48 -27.77
CA ALA A 1 26.62 5.47 -28.28
C ALA A 1 26.08 4.04 -28.20
N MET A 2 24.89 3.89 -27.62
CA MET A 2 24.27 2.55 -27.41
C MET A 2 23.05 2.40 -28.33
N ASN A 3 22.80 1.19 -28.85
CA ASN A 3 21.60 0.85 -29.66
C ASN A 3 20.66 0.01 -28.80
N TYR A 4 19.40 0.39 -28.72
CA TYR A 4 18.40 -0.22 -27.82
C TYR A 4 17.29 -0.82 -28.66
N PHE A 5 17.09 -2.13 -28.57
CA PHE A 5 16.00 -2.88 -29.25
C PHE A 5 14.89 -3.13 -28.23
N VAL A 6 13.80 -2.40 -28.40
CA VAL A 6 12.74 -2.28 -27.37
C VAL A 6 11.59 -3.24 -27.74
N GLY A 7 11.49 -4.36 -27.03
CA GLY A 7 10.35 -5.30 -27.05
C GLY A 7 9.53 -5.17 -25.78
N ASN A 8 8.84 -6.23 -25.40
CA ASN A 8 7.99 -6.20 -24.18
C ASN A 8 8.55 -7.17 -23.13
N SER A 9 8.70 -8.44 -23.44
CA SER A 9 9.25 -9.43 -22.48
C SER A 9 9.76 -10.67 -23.22
N LEU A 10 10.27 -11.61 -22.46
CA LEU A 10 10.70 -12.93 -22.99
C LEU A 10 9.91 -13.99 -22.24
N GLY A 11 9.26 -14.89 -22.97
CA GLY A 11 8.58 -16.06 -22.40
C GLY A 11 9.56 -17.22 -22.27
N VAL A 12 9.00 -18.37 -21.90
CA VAL A 12 9.69 -19.68 -21.78
C VAL A 12 10.14 -20.13 -23.18
N ASN A 13 9.24 -20.09 -24.17
CA ASN A 13 9.51 -20.49 -25.57
C ASN A 13 9.81 -19.26 -26.43
N LEU A 14 10.99 -19.23 -27.04
CA LEU A 14 11.39 -18.07 -27.87
C LEU A 14 10.48 -17.94 -29.10
N THR A 15 9.83 -16.78 -29.23
CA THR A 15 8.93 -16.43 -30.35
C THR A 15 9.75 -15.77 -31.47
N GLY A 16 9.12 -15.56 -32.63
CA GLY A 16 9.67 -14.86 -33.79
C GLY A 16 10.27 -13.51 -33.42
N ILE A 17 9.45 -12.62 -32.88
CA ILE A 17 9.83 -11.22 -32.59
C ILE A 17 10.98 -11.21 -31.58
N GLU A 18 10.93 -12.07 -30.56
CA GLU A 18 12.02 -12.15 -29.56
C GLU A 18 13.27 -12.67 -30.27
N LYS A 19 13.16 -13.69 -31.12
CA LYS A 19 14.33 -14.22 -31.88
C LYS A 19 14.89 -13.12 -32.82
N ALA A 20 14.05 -12.32 -33.50
CA ALA A 20 14.50 -11.22 -34.39
C ALA A 20 15.41 -10.24 -33.62
N ILE A 21 15.02 -9.92 -32.38
CA ILE A 21 15.74 -9.01 -31.44
C ILE A 21 17.07 -9.64 -31.05
N ILE A 22 17.07 -10.91 -30.67
CA ILE A 22 18.32 -11.57 -30.22
C ILE A 22 19.25 -11.77 -31.43
N ASN A 23 18.70 -12.10 -32.61
CA ASN A 23 19.50 -12.18 -33.87
C ASN A 23 20.19 -10.84 -34.09
N ARG A 24 19.43 -9.75 -34.00
CA ARG A 24 19.95 -8.38 -34.21
C ARG A 24 21.05 -8.07 -33.18
N LEU A 25 20.84 -8.45 -31.92
CA LEU A 25 21.85 -8.25 -30.85
C LEU A 25 23.14 -9.02 -31.20
N ASN A 26 23.03 -10.27 -31.67
CA ASN A 26 24.24 -11.07 -32.01
C ASN A 26 24.94 -10.45 -33.24
N LEU A 27 24.21 -9.82 -34.16
CA LEU A 27 24.82 -9.16 -35.36
C LEU A 27 25.54 -7.88 -34.95
N PHE A 28 25.00 -7.10 -34.04
CA PHE A 28 25.68 -5.88 -33.52
C PHE A 28 26.93 -6.30 -32.73
N LYS A 29 26.86 -7.37 -31.95
CA LYS A 29 28.04 -7.87 -31.20
C LYS A 29 29.15 -8.22 -32.18
N GLU A 30 28.82 -9.01 -33.19
CA GLU A 30 29.78 -9.48 -34.22
C GLU A 30 30.45 -8.28 -34.89
N MET A 31 29.76 -7.16 -35.04
CA MET A 31 30.36 -5.99 -35.74
C MET A 31 30.94 -4.98 -34.76
N GLY A 32 30.90 -5.27 -33.46
CA GLY A 32 31.50 -4.40 -32.44
C GLY A 32 30.68 -3.20 -32.04
N ARG A 33 29.40 -3.16 -32.41
CA ARG A 33 28.54 -2.00 -32.02
C ARG A 33 27.81 -2.33 -30.72
N PRO A 34 27.90 -1.48 -29.68
CA PRO A 34 27.14 -1.71 -28.45
C PRO A 34 25.62 -1.74 -28.71
N ALA A 35 24.96 -2.73 -28.11
CA ALA A 35 23.54 -3.06 -28.31
C ALA A 35 22.99 -3.79 -27.08
N GLN A 36 21.77 -3.44 -26.68
CA GLN A 36 21.06 -4.04 -25.53
C GLN A 36 19.59 -4.16 -25.87
N CYS A 37 18.96 -5.26 -25.49
CA CYS A 37 17.50 -5.40 -25.54
C CYS A 37 16.92 -4.62 -24.38
N VAL A 38 15.72 -4.11 -24.55
CA VAL A 38 14.97 -3.36 -23.51
C VAL A 38 13.61 -4.04 -23.41
N PHE A 39 13.28 -4.52 -22.21
CA PHE A 39 11.99 -5.19 -21.87
C PHE A 39 11.21 -4.23 -20.99
N LEU A 40 9.91 -4.13 -21.19
CA LEU A 40 9.07 -3.11 -20.53
C LEU A 40 8.32 -3.75 -19.36
N SER A 41 7.67 -4.89 -19.58
CA SER A 41 6.62 -5.42 -18.68
C SER A 41 7.26 -6.10 -17.48
N TRP A 42 6.57 -6.06 -16.35
CA TRP A 42 7.05 -6.60 -15.05
C TRP A 42 7.10 -8.11 -15.18
N ASN A 43 8.26 -8.68 -14.96
CA ASN A 43 8.45 -10.15 -15.12
C ASN A 43 9.61 -10.60 -14.22
N ARG A 44 9.25 -11.28 -13.16
CA ARG A 44 10.12 -11.61 -12.02
C ARG A 44 10.85 -12.92 -12.31
N TYR A 45 10.51 -13.59 -13.42
CA TYR A 45 11.29 -14.75 -13.93
C TYR A 45 12.06 -14.39 -15.21
N LEU A 46 12.15 -13.11 -15.57
CA LEU A 46 12.80 -12.69 -16.83
C LEU A 46 14.26 -13.15 -16.85
N TYR A 47 14.94 -13.03 -15.72
CA TYR A 47 16.36 -13.44 -15.59
C TYR A 47 16.51 -14.95 -15.85
N ARG A 48 15.53 -15.77 -15.48
CA ARG A 48 15.54 -17.20 -15.82
C ARG A 48 15.39 -17.34 -17.34
N ASN A 49 14.37 -16.69 -17.92
CA ASN A 49 14.00 -16.84 -19.35
C ASN A 49 15.15 -16.38 -20.27
N ALA A 50 15.85 -15.31 -19.92
CA ALA A 50 16.92 -14.66 -20.71
C ALA A 50 18.20 -15.50 -20.63
N GLN A 51 18.43 -16.13 -19.48
CA GLN A 51 19.58 -17.00 -19.14
C GLN A 51 19.94 -17.86 -20.38
N ASN A 52 18.96 -18.48 -21.01
CA ASN A 52 19.23 -19.49 -22.06
C ASN A 52 19.65 -18.84 -23.39
N TYR A 53 19.56 -17.51 -23.59
CA TYR A 53 19.77 -16.86 -24.91
C TYR A 53 20.79 -15.71 -24.83
N ILE A 54 20.57 -14.76 -23.92
CA ILE A 54 21.46 -13.57 -23.78
C ILE A 54 22.06 -13.54 -22.37
N THR A 55 22.96 -12.60 -22.12
CA THR A 55 23.58 -12.46 -20.79
C THR A 55 22.85 -11.37 -20.00
N SER A 56 23.14 -11.25 -18.71
CA SER A 56 22.50 -10.24 -17.83
C SER A 56 22.84 -8.82 -18.27
N SER A 57 24.00 -8.62 -18.88
CA SER A 57 24.44 -7.27 -19.31
C SER A 57 23.92 -6.94 -20.70
N ASP A 58 23.27 -7.88 -21.35
CA ASP A 58 22.75 -7.71 -22.72
C ASP A 58 21.34 -7.12 -22.71
N TYR A 59 20.76 -6.86 -21.54
CA TYR A 59 19.38 -6.32 -21.55
C TYR A 59 19.11 -5.48 -20.31
N ILE A 60 18.10 -4.63 -20.43
CA ILE A 60 17.60 -3.77 -19.32
C ILE A 60 16.09 -3.95 -19.28
N ASN A 61 15.52 -4.29 -18.12
CA ASN A 61 14.05 -4.28 -17.95
C ASN A 61 13.66 -3.00 -17.22
N MET A 62 12.52 -2.38 -17.56
CA MET A 62 12.06 -1.10 -16.98
C MET A 62 11.84 -1.24 -15.47
N TYR A 63 11.14 -2.29 -15.05
CA TYR A 63 10.84 -2.55 -13.61
C TYR A 63 12.16 -2.81 -12.89
N ASP A 64 13.04 -3.65 -13.43
CA ASP A 64 14.38 -3.86 -12.82
C ASP A 64 15.04 -2.50 -12.63
N PHE A 65 14.90 -1.61 -13.62
CA PHE A 65 15.60 -0.30 -13.66
C PHE A 65 15.17 0.53 -12.46
N PHE A 66 13.87 0.75 -12.30
CA PHE A 66 13.32 1.57 -11.19
C PHE A 66 13.49 0.81 -9.86
N GLN A 67 13.54 -0.53 -9.87
CA GLN A 67 13.74 -1.37 -8.66
C GLN A 67 15.24 -1.56 -8.34
N GLU A 68 16.15 -0.85 -9.03
CA GLU A 68 17.63 -0.92 -8.79
C GLU A 68 18.10 -2.39 -8.83
N ALA A 69 17.57 -3.18 -9.75
CA ALA A 69 17.87 -4.62 -9.89
C ALA A 69 18.41 -4.92 -11.30
N THR A 70 18.86 -3.89 -12.03
CA THR A 70 19.43 -4.06 -13.39
C THR A 70 20.79 -4.72 -13.21
N TYR A 71 21.14 -5.68 -14.06
CA TYR A 71 22.42 -6.43 -14.02
C TYR A 71 22.63 -7.10 -12.65
N LEU A 72 21.58 -7.44 -11.91
CA LEU A 72 21.72 -8.24 -10.66
C LEU A 72 21.55 -9.73 -11.04
N GLU A 73 22.36 -10.60 -10.45
CA GLU A 73 22.34 -12.08 -10.68
C GLU A 73 21.58 -12.75 -9.52
N ARG A 74 21.48 -14.09 -9.51
CA ARG A 74 20.82 -14.86 -8.41
C ARG A 74 21.68 -14.75 -7.13
N ASN A 75 21.06 -14.64 -5.94
CA ASN A 75 21.63 -14.95 -4.61
C ASN A 75 21.72 -16.46 -4.42
N GLU A 76 22.60 -16.96 -3.53
CA GLU A 76 22.60 -18.38 -3.10
C GLU A 76 21.31 -18.61 -2.34
N PRO A 77 20.56 -19.72 -2.62
CA PRO A 77 19.19 -19.84 -2.12
C PRO A 77 19.13 -19.67 -0.60
N PHE A 78 18.09 -19.00 -0.13
CA PHE A 78 17.78 -18.83 1.31
C PHE A 78 16.89 -20.01 1.66
N ASP A 79 17.18 -20.68 2.80
CA ASP A 79 16.37 -21.80 3.33
C ASP A 79 15.25 -21.20 4.17
N TRP A 80 14.13 -20.93 3.50
CA TRP A 80 12.92 -20.31 4.11
C TRP A 80 12.33 -21.26 5.16
N LEU A 81 12.11 -22.53 4.79
CA LEU A 81 11.54 -23.60 5.67
C LEU A 81 12.27 -23.57 7.03
N SER A 82 13.59 -23.56 6.94
CA SER A 82 14.49 -23.65 8.11
C SER A 82 14.40 -22.34 8.91
N TYR A 83 14.29 -21.18 8.25
CA TYR A 83 14.11 -19.86 8.91
C TYR A 83 12.71 -19.76 9.54
N TRP A 84 11.70 -20.33 8.90
CA TRP A 84 10.31 -20.30 9.43
C TRP A 84 10.22 -21.17 10.70
N THR A 85 10.76 -22.40 10.70
CA THR A 85 10.62 -23.33 11.86
C THR A 85 11.63 -23.02 12.97
N ASP A 86 12.92 -22.83 12.66
CA ASP A 86 14.01 -22.68 13.68
C ASP A 86 14.04 -21.24 14.22
N GLU A 87 13.88 -20.23 13.37
CA GLU A 87 14.08 -18.78 13.70
C GLU A 87 12.76 -18.13 14.19
N CYS A 88 11.64 -18.41 13.51
CA CYS A 88 10.32 -17.75 13.76
C CYS A 88 9.43 -18.61 14.66
N HIS A 89 9.80 -19.88 14.89
CA HIS A 89 9.03 -20.86 15.71
C HIS A 89 7.61 -21.00 15.16
N TYR A 90 7.47 -20.97 13.83
CA TYR A 90 6.18 -21.24 13.14
C TYR A 90 6.07 -22.75 12.99
N THR A 91 4.88 -23.18 12.61
CA THR A 91 4.56 -24.59 12.34
C THR A 91 4.22 -24.63 10.87
N LEU A 92 4.82 -25.55 10.12
CA LEU A 92 4.57 -25.65 8.67
C LEU A 92 3.73 -26.89 8.40
N LYS A 93 2.65 -26.75 7.64
CA LYS A 93 1.83 -27.91 7.28
C LYS A 93 1.86 -28.05 5.76
N HIS A 94 2.54 -29.06 5.26
CA HIS A 94 2.70 -29.24 3.80
C HIS A 94 1.35 -29.50 3.15
N VAL A 95 1.14 -28.96 1.95
CA VAL A 95 -0.12 -29.22 1.22
C VAL A 95 0.19 -30.38 0.26
N GLU A 96 -0.54 -31.49 0.34
CA GLU A 96 -0.22 -32.68 -0.49
C GLU A 96 -0.39 -32.35 -1.98
N ASN A 97 0.47 -32.95 -2.81
CA ASN A 97 0.50 -32.74 -4.27
C ASN A 97 0.75 -31.26 -4.58
N SER A 98 1.73 -30.67 -3.91
CA SER A 98 2.11 -29.25 -4.13
C SER A 98 3.50 -29.00 -3.56
N HIS A 99 4.05 -27.84 -3.86
CA HIS A 99 5.32 -27.39 -3.23
C HIS A 99 4.96 -26.36 -2.14
N ASP A 100 3.67 -26.26 -1.82
CA ASP A 100 3.09 -25.25 -0.88
C ASP A 100 3.10 -25.68 0.58
N PHE A 101 3.17 -24.70 1.48
CA PHE A 101 3.08 -24.94 2.93
C PHE A 101 2.11 -23.94 3.55
N ARG A 102 1.40 -24.36 4.59
CA ARG A 102 0.52 -23.45 5.35
C ARG A 102 1.35 -23.05 6.57
N ILE A 103 1.39 -21.77 6.91
CA ILE A 103 2.26 -21.32 8.03
C ILE A 103 1.40 -20.81 9.19
N TYR A 104 1.69 -21.28 10.39
CA TYR A 104 0.89 -20.94 11.58
C TYR A 104 1.76 -20.44 12.72
N ASP A 105 1.21 -19.52 13.51
CA ASP A 105 1.88 -19.18 14.78
C ASP A 105 1.04 -19.95 15.79
N GLN A 106 1.59 -21.04 16.34
CA GLN A 106 0.81 -21.94 17.22
C GLN A 106 -0.38 -22.45 16.42
N GLU A 107 -1.59 -22.13 16.81
CA GLU A 107 -2.74 -22.65 16.06
C GLU A 107 -3.28 -21.57 15.12
N ARG A 108 -2.59 -20.45 15.00
CA ARG A 108 -3.13 -19.33 14.19
C ARG A 108 -2.56 -19.33 12.76
N PHE A 109 -3.43 -19.37 11.76
CA PHE A 109 -3.02 -19.38 10.33
C PHE A 109 -2.61 -17.95 9.91
N LEU A 110 -1.40 -17.80 9.38
CA LEU A 110 -0.85 -16.47 8.95
C LEU A 110 -0.69 -16.38 7.42
N MET A 111 -0.09 -17.41 6.82
CA MET A 111 0.56 -17.36 5.47
C MET A 111 0.43 -18.69 4.72
N TYR A 112 0.20 -18.58 3.41
CA TYR A 112 0.27 -19.69 2.43
C TYR A 112 1.46 -19.45 1.49
N ALA A 113 2.50 -20.30 1.54
CA ALA A 113 3.72 -20.20 0.73
C ALA A 113 3.69 -21.20 -0.42
N HIS A 114 3.83 -20.72 -1.67
CA HIS A 114 4.06 -21.56 -2.87
C HIS A 114 5.52 -21.43 -3.31
N PHE A 115 6.28 -22.52 -3.25
CA PHE A 115 7.62 -22.63 -3.89
C PHE A 115 7.44 -23.05 -5.35
N GLN A 116 8.46 -22.79 -6.18
CA GLN A 116 8.42 -23.07 -7.64
C GLN A 116 8.93 -24.50 -7.87
N ASP A 117 10.10 -24.80 -7.33
CA ASP A 117 10.78 -26.11 -7.50
C ASP A 117 10.36 -27.06 -6.38
N PRO A 118 10.47 -28.38 -6.61
CA PRO A 118 10.20 -29.37 -5.56
C PRO A 118 11.32 -29.50 -4.54
N LYS A 119 12.38 -28.71 -4.69
CA LYS A 119 13.54 -28.72 -3.78
C LYS A 119 13.41 -27.59 -2.76
N TYR A 120 12.39 -26.75 -2.93
CA TYR A 120 12.05 -25.60 -2.05
C TYR A 120 13.19 -24.55 -2.04
N ARG A 121 13.77 -24.32 -3.20
CA ARG A 121 14.92 -23.41 -3.31
C ARG A 121 14.48 -22.05 -3.84
N ILE A 122 13.32 -21.99 -4.46
CA ILE A 122 12.78 -20.78 -5.16
C ILE A 122 11.39 -20.48 -4.61
N LEU A 123 11.34 -19.62 -3.58
CA LEU A 123 10.06 -19.07 -3.12
C LEU A 123 9.44 -18.27 -4.29
N ASP A 124 8.20 -18.59 -4.63
CA ASP A 124 7.43 -17.96 -5.72
C ASP A 124 6.56 -16.86 -5.13
N TYR A 125 5.60 -17.23 -4.27
CA TYR A 125 4.68 -16.27 -3.62
C TYR A 125 4.29 -16.73 -2.22
N VAL A 126 3.86 -15.76 -1.41
CA VAL A 126 3.32 -15.95 -0.05
C VAL A 126 2.03 -15.11 0.05
N ASN A 127 0.93 -15.73 0.45
CA ASN A 127 -0.35 -15.04 0.70
C ASN A 127 -0.42 -14.73 2.20
N HIS A 128 -0.92 -13.55 2.56
CA HIS A 128 -1.12 -13.08 3.94
C HIS A 128 -2.61 -13.07 4.23
N PHE A 129 -3.01 -13.58 5.39
CA PHE A 129 -4.42 -13.63 5.82
C PHE A 129 -4.63 -12.87 7.13
N ASP A 130 -5.82 -12.27 7.27
CA ASP A 130 -6.25 -11.54 8.48
C ASP A 130 -7.05 -12.49 9.37
N SER A 131 -7.58 -11.98 10.48
CA SER A 131 -8.22 -12.77 11.56
C SER A 131 -9.42 -13.52 11.01
N GLN A 132 -10.02 -13.10 9.87
CA GLN A 132 -11.21 -13.76 9.25
C GLN A 132 -10.81 -14.63 8.05
N ARG A 133 -9.52 -14.86 7.82
CA ARG A 133 -9.01 -15.64 6.66
C ARG A 133 -9.29 -14.92 5.33
N ARG A 134 -9.40 -13.59 5.35
CA ARG A 134 -9.33 -12.70 4.16
C ARG A 134 -7.88 -12.64 3.68
N LYS A 135 -7.69 -12.71 2.37
CA LYS A 135 -6.36 -12.62 1.72
C LYS A 135 -6.07 -11.15 1.44
N VAL A 136 -5.31 -10.50 2.31
CA VAL A 136 -5.17 -9.03 2.28
C VAL A 136 -3.95 -8.65 1.42
N LYS A 137 -3.01 -9.57 1.22
CA LYS A 137 -1.71 -9.24 0.61
C LYS A 137 -1.06 -10.47 -0.01
N ARG A 138 -0.51 -10.31 -1.22
CA ARG A 138 0.27 -11.35 -1.94
C ARG A 138 1.67 -10.80 -2.17
N ASP A 139 2.69 -11.51 -1.71
CA ASP A 139 4.13 -11.22 -1.92
C ASP A 139 4.67 -12.08 -3.07
N PHE A 140 5.07 -11.42 -4.16
CA PHE A 140 5.67 -12.05 -5.37
C PHE A 140 7.19 -11.87 -5.35
N TYR A 141 7.92 -12.99 -5.29
CA TYR A 141 9.40 -13.03 -5.26
C TYR A 141 9.96 -13.11 -6.68
N ASP A 142 11.02 -12.35 -6.94
CA ASP A 142 11.85 -12.51 -8.17
C ASP A 142 12.58 -13.87 -8.08
N VAL A 143 12.72 -14.59 -9.19
CA VAL A 143 13.47 -15.88 -9.22
C VAL A 143 14.90 -15.66 -8.71
N ARG A 144 15.36 -14.41 -8.66
CA ARG A 144 16.71 -14.10 -8.17
C ARG A 144 16.74 -14.11 -6.65
N GLY A 145 15.59 -14.14 -6.00
CA GLY A 145 15.59 -14.24 -4.54
C GLY A 145 14.83 -13.17 -3.81
N PHE A 146 14.99 -11.91 -4.18
CA PHE A 146 14.34 -10.78 -3.45
C PHE A 146 12.85 -10.69 -3.72
N LEU A 147 12.14 -10.03 -2.79
CA LEU A 147 10.68 -9.77 -2.87
C LEU A 147 10.53 -8.53 -3.75
N SER A 148 9.88 -8.74 -4.89
CA SER A 148 9.73 -7.74 -5.96
C SER A 148 8.48 -6.87 -5.78
N CYS A 149 7.36 -7.51 -5.51
CA CYS A 149 6.04 -6.84 -5.50
C CYS A 149 5.13 -7.41 -4.38
N SER A 150 4.51 -6.53 -3.61
CA SER A 150 3.36 -6.85 -2.75
C SER A 150 2.13 -6.28 -3.43
N ARG A 151 1.09 -7.08 -3.59
CA ARG A 151 -0.24 -6.66 -4.06
C ARG A 151 -1.21 -6.65 -2.88
N ILE A 152 -1.90 -5.53 -2.67
CA ILE A 152 -2.99 -5.35 -1.67
C ILE A 152 -4.30 -5.72 -2.38
N LEU A 153 -5.10 -6.56 -1.73
CA LEU A 153 -6.37 -7.04 -2.28
C LEU A 153 -7.55 -6.52 -1.46
N VAL A 154 -8.69 -6.43 -2.12
CA VAL A 154 -9.98 -5.99 -1.54
C VAL A 154 -11.09 -6.90 -2.06
N ASP A 155 -12.21 -6.94 -1.36
CA ASP A 155 -13.42 -7.69 -1.81
C ASP A 155 -13.06 -9.13 -2.18
N LYS A 156 -13.48 -9.54 -3.37
CA LYS A 156 -13.20 -10.92 -3.83
C LYS A 156 -11.85 -10.96 -4.54
N GLN A 157 -10.76 -10.84 -3.80
CA GLN A 157 -9.36 -10.88 -4.31
C GLN A 157 -9.12 -9.93 -5.48
N GLN A 158 -9.80 -8.79 -5.55
CA GLN A 158 -9.57 -7.78 -6.61
C GLN A 158 -8.30 -6.97 -6.27
N THR A 159 -7.46 -6.68 -7.26
CA THR A 159 -6.23 -5.89 -7.10
C THR A 159 -6.62 -4.44 -6.81
N LEU A 160 -6.12 -3.84 -5.74
CA LEU A 160 -6.35 -2.40 -5.50
C LEU A 160 -5.05 -1.60 -5.70
N CYS A 161 -3.92 -2.06 -5.20
CA CYS A 161 -2.63 -1.35 -5.41
C CYS A 161 -1.45 -2.29 -5.20
N GLU A 162 -0.33 -1.98 -5.84
CA GLU A 162 0.89 -2.83 -5.91
C GLU A 162 2.04 -1.96 -5.45
N PHE A 163 3.01 -2.54 -4.75
CA PHE A 163 4.23 -1.85 -4.26
C PHE A 163 5.42 -2.67 -4.75
N PHE A 164 6.40 -2.00 -5.35
CA PHE A 164 7.55 -2.66 -5.98
C PHE A 164 8.77 -2.26 -5.19
N TYR A 165 9.60 -3.25 -4.81
CA TYR A 165 10.74 -3.07 -3.88
C TYR A 165 12.04 -3.20 -4.67
N ASN A 166 13.09 -2.54 -4.20
CA ASN A 166 14.48 -2.87 -4.56
C ASN A 166 14.86 -4.10 -3.75
N PRO A 167 16.01 -4.75 -4.00
CA PRO A 167 16.37 -5.96 -3.26
C PRO A 167 16.56 -5.76 -1.74
N GLU A 168 16.75 -4.51 -1.27
CA GLU A 168 16.90 -4.12 0.15
C GLU A 168 15.54 -3.98 0.86
N GLY A 169 14.42 -3.82 0.16
CA GLY A 169 13.06 -3.68 0.75
C GLY A 169 12.48 -2.26 0.68
N ASP A 170 13.24 -1.28 0.19
CA ASP A 170 12.76 0.10 -0.02
C ASP A 170 11.73 0.06 -1.14
N THR A 171 10.62 0.77 -1.00
CA THR A 171 9.60 0.96 -2.06
C THR A 171 10.17 1.87 -3.16
N LYS A 172 9.98 1.51 -4.43
CA LYS A 172 10.44 2.32 -5.59
C LYS A 172 9.27 2.71 -6.51
N LEU A 173 8.21 1.92 -6.64
CA LEU A 173 6.96 2.29 -7.38
C LEU A 173 5.73 1.88 -6.60
N GLU A 174 4.68 2.66 -6.77
CA GLU A 174 3.33 2.34 -6.28
C GLU A 174 2.42 2.39 -7.50
N LYS A 175 1.57 1.38 -7.71
CA LYS A 175 0.49 1.41 -8.73
C LYS A 175 -0.90 1.29 -8.06
N TYR A 176 -1.87 2.13 -8.46
CA TYR A 176 -3.27 2.16 -7.97
C TYR A 176 -4.21 1.81 -9.12
N PHE A 177 -5.16 0.92 -8.85
CA PHE A 177 -6.03 0.25 -9.84
C PHE A 177 -7.50 0.54 -9.53
N SER A 178 -8.30 0.72 -10.58
CA SER A 178 -9.78 0.66 -10.57
C SER A 178 -10.24 -0.40 -11.58
N TYR A 179 -11.38 -1.01 -11.32
CA TYR A 179 -11.95 -2.09 -12.16
C TYR A 179 -12.81 -1.44 -13.24
N LYS A 180 -12.61 -1.84 -14.49
CA LYS A 180 -13.42 -1.42 -15.66
C LYS A 180 -13.62 -2.66 -16.52
N ASP A 181 -14.88 -3.04 -16.77
CA ASP A 181 -15.26 -4.29 -17.51
C ASP A 181 -14.57 -5.49 -16.85
N GLY A 182 -14.58 -5.54 -15.51
CA GLY A 182 -14.11 -6.67 -14.68
C GLY A 182 -12.61 -6.92 -14.70
N LYS A 183 -11.78 -6.04 -15.31
CA LYS A 183 -10.30 -6.14 -15.23
C LYS A 183 -9.72 -4.93 -14.51
N PRO A 184 -8.64 -5.10 -13.71
CA PRO A 184 -7.97 -3.96 -13.08
C PRO A 184 -7.22 -3.13 -14.12
N GLU A 185 -7.40 -1.81 -14.12
CA GLU A 185 -6.50 -0.94 -14.91
C GLU A 185 -5.88 0.15 -14.02
N VAL A 186 -4.60 0.37 -14.28
CA VAL A 186 -3.73 1.41 -13.66
C VAL A 186 -4.40 2.78 -13.84
N GLN A 187 -4.66 3.47 -12.72
CA GLN A 187 -5.15 4.86 -12.71
C GLN A 187 -4.07 5.81 -12.19
N LYS A 188 -3.03 5.31 -11.53
CA LYS A 188 -1.96 6.19 -11.01
C LYS A 188 -0.71 5.37 -10.75
N ILE A 189 0.46 5.95 -11.05
CA ILE A 189 1.77 5.36 -10.71
C ILE A 189 2.61 6.45 -10.08
N ILE A 190 3.22 6.10 -8.95
CA ILE A 190 4.19 6.95 -8.22
C ILE A 190 5.52 6.24 -8.33
N VAL A 191 6.56 6.94 -8.75
CA VAL A 191 7.94 6.42 -8.86
C VAL A 191 8.81 7.28 -7.96
N TYR A 192 9.64 6.65 -7.15
CA TYR A 192 10.68 7.31 -6.31
C TYR A 192 12.00 7.08 -7.03
N TYR A 193 12.55 8.12 -7.65
CA TYR A 193 13.75 8.00 -8.51
C TYR A 193 14.59 9.26 -8.34
N ALA A 194 15.92 9.11 -8.32
CA ALA A 194 16.90 10.22 -8.17
C ALA A 194 16.44 11.17 -7.05
N ASN A 195 16.00 10.63 -5.91
CA ASN A 195 15.59 11.39 -4.68
C ASN A 195 14.37 12.27 -4.94
N LYS A 196 13.62 12.05 -6.02
CA LYS A 196 12.40 12.83 -6.28
C LYS A 196 11.20 11.89 -6.34
N GLN A 197 10.02 12.48 -6.40
CA GLN A 197 8.73 11.77 -6.47
C GLN A 197 8.08 12.16 -7.79
N TYR A 198 7.84 11.19 -8.68
CA TYR A 198 7.17 11.41 -9.99
C TYR A 198 5.80 10.73 -10.03
N PHE A 199 4.86 11.39 -10.69
CA PHE A 199 3.43 11.00 -10.85
C PHE A 199 3.11 10.76 -12.32
N PHE A 200 2.50 9.61 -12.60
CA PHE A 200 2.05 9.19 -13.96
C PHE A 200 0.60 8.70 -13.85
N ASN A 201 -0.12 8.65 -14.98
CA ASN A 201 -1.52 8.13 -15.07
C ASN A 201 -1.57 6.69 -15.55
N ASN A 202 -0.52 6.17 -16.21
CA ASN A 202 -0.58 4.83 -16.85
C ASN A 202 0.84 4.36 -17.16
N GLU A 203 1.00 3.10 -17.59
CA GLU A 203 2.31 2.43 -17.87
C GLU A 203 3.00 3.05 -19.08
N THR A 204 2.23 3.55 -20.05
CA THR A 204 2.77 4.25 -21.24
C THR A 204 3.55 5.49 -20.79
N GLU A 205 3.00 6.31 -19.89
CA GLU A 205 3.72 7.53 -19.44
C GLU A 205 4.98 7.14 -18.66
N LEU A 206 4.90 6.09 -17.85
CA LEU A 206 6.08 5.50 -17.14
C LEU A 206 7.13 5.02 -18.17
N GLY A 207 6.67 4.33 -19.23
CA GLY A 207 7.51 3.92 -20.37
C GLY A 207 8.31 5.11 -20.92
N ALA A 208 7.60 6.20 -21.19
CA ALA A 208 8.14 7.42 -21.83
C ALA A 208 9.17 8.04 -20.88
N PHE A 209 8.93 7.95 -19.57
CA PHE A 209 9.86 8.49 -18.55
C PHE A 209 11.13 7.65 -18.56
N PHE A 210 10.98 6.34 -18.68
CA PHE A 210 12.09 5.35 -18.69
C PHE A 210 13.02 5.59 -19.88
N ILE A 211 12.44 5.69 -21.09
CA ILE A 211 13.18 5.95 -22.36
C ILE A 211 14.03 7.22 -22.18
N LYS A 212 13.43 8.27 -21.64
CA LYS A 212 14.12 9.56 -21.35
C LYS A 212 15.30 9.37 -20.38
N GLN A 213 15.19 8.52 -19.36
CA GLN A 213 16.31 8.33 -18.37
C GLN A 213 17.43 7.50 -19.00
N LEU A 214 17.10 6.52 -19.85
CA LEU A 214 18.06 5.74 -20.65
C LEU A 214 18.85 6.65 -21.61
N TYR A 215 18.19 7.61 -22.25
CA TYR A 215 18.76 8.27 -23.46
C TYR A 215 19.99 9.12 -23.10
N GLN A 216 21.10 8.92 -23.80
CA GLN A 216 22.22 9.89 -23.88
C GLN A 216 22.43 10.26 -25.35
N HIS A 217 22.86 11.51 -25.63
CA HIS A 217 23.08 12.07 -26.99
C HIS A 217 23.87 11.06 -27.82
N GLY A 218 23.40 10.71 -29.01
CA GLY A 218 24.06 9.75 -29.91
C GLY A 218 23.45 8.35 -29.83
N ASP A 219 22.61 8.09 -28.82
CA ASP A 219 21.93 6.79 -28.63
C ASP A 219 20.86 6.63 -29.73
N LEU A 220 20.54 5.39 -30.12
CA LEU A 220 19.50 5.05 -31.12
C LEU A 220 18.51 3.99 -30.56
N PHE A 221 17.21 4.23 -30.70
CA PHE A 221 16.15 3.27 -30.29
C PHE A 221 15.54 2.58 -31.51
N PHE A 222 15.16 1.33 -31.32
CA PHE A 222 14.40 0.50 -32.28
C PHE A 222 13.13 0.02 -31.58
N SER A 223 11.98 0.33 -32.14
CA SER A 223 10.61 0.01 -31.63
C SER A 223 10.15 -1.28 -32.30
N ASP A 224 10.30 -2.41 -31.61
CA ASP A 224 9.98 -3.77 -32.14
C ASP A 224 8.60 -4.28 -31.66
N ARG A 225 8.07 -3.81 -30.52
CA ARG A 225 6.75 -4.28 -30.02
C ARG A 225 5.76 -3.13 -30.07
N ASN A 226 5.32 -2.81 -31.27
CA ASN A 226 4.79 -1.48 -31.62
C ASN A 226 3.52 -1.21 -30.82
N VAL A 227 2.73 -2.24 -30.51
CA VAL A 227 1.45 -2.05 -29.78
C VAL A 227 1.73 -1.39 -28.42
N TYR A 228 2.89 -1.67 -27.78
CA TYR A 228 3.33 -1.00 -26.53
C TYR A 228 4.34 0.12 -26.79
N THR A 229 5.33 -0.10 -27.67
CA THR A 229 6.48 0.82 -27.83
C THR A 229 6.11 2.10 -28.61
N ALA A 230 5.29 2.02 -29.66
CA ALA A 230 4.87 3.22 -30.40
C ALA A 230 4.24 4.25 -29.46
N PRO A 231 3.20 3.92 -28.64
CA PRO A 231 2.59 4.90 -27.74
C PRO A 231 3.62 5.53 -26.77
N ILE A 232 4.57 4.72 -26.31
CA ILE A 232 5.68 5.22 -25.45
C ILE A 232 6.53 6.23 -26.25
N PHE A 233 6.92 5.92 -27.48
CA PHE A 233 7.79 6.83 -28.28
C PHE A 233 7.00 8.08 -28.65
N ASN A 234 5.68 7.97 -28.81
CA ASN A 234 4.81 9.15 -29.07
C ASN A 234 4.86 10.16 -27.90
N LEU A 235 5.18 9.75 -26.67
CA LEU A 235 5.24 10.72 -25.55
C LEU A 235 6.70 11.09 -25.26
N THR A 236 7.64 10.75 -26.14
CA THR A 236 9.06 11.16 -25.98
C THR A 236 9.36 12.31 -26.95
N PRO A 237 10.25 13.23 -26.59
CA PRO A 237 10.69 14.27 -27.50
C PRO A 237 11.33 13.75 -28.80
N GLU A 238 11.03 14.42 -29.91
CA GLU A 238 11.53 14.13 -31.27
C GLU A 238 13.07 14.12 -31.28
N SER A 239 13.74 14.73 -30.30
CA SER A 239 15.22 14.76 -30.23
C SER A 239 15.77 13.34 -29.98
N ILE A 240 14.94 12.43 -29.46
CA ILE A 240 15.35 11.01 -29.25
C ILE A 240 14.98 10.22 -30.51
N PRO A 241 15.99 9.75 -31.28
CA PRO A 241 15.72 9.06 -32.54
C PRO A 241 15.26 7.63 -32.26
N VAL A 242 14.27 7.21 -33.02
CA VAL A 242 13.65 5.88 -32.91
C VAL A 242 13.29 5.41 -34.31
N VAL A 243 13.61 4.16 -34.60
CA VAL A 243 13.23 3.45 -35.86
C VAL A 243 12.11 2.47 -35.54
N ALA A 244 11.03 2.45 -36.30
CA ALA A 244 9.90 1.48 -36.19
C ALA A 244 10.31 0.22 -36.95
N VAL A 245 10.22 -0.96 -36.34
CA VAL A 245 10.43 -2.26 -37.03
C VAL A 245 9.10 -3.01 -37.10
N LEU A 246 8.64 -3.27 -38.31
CA LEU A 246 7.47 -4.12 -38.62
C LEU A 246 7.93 -5.57 -38.72
N HIS A 247 7.19 -6.48 -38.09
CA HIS A 247 7.53 -7.92 -37.95
C HIS A 247 6.52 -8.76 -38.70
N SER A 248 5.42 -8.17 -39.11
CA SER A 248 4.51 -8.99 -39.92
C SER A 248 3.82 -8.10 -40.96
N THR A 249 2.81 -8.65 -41.61
CA THR A 249 1.96 -7.85 -42.52
C THR A 249 1.39 -6.67 -41.74
N HIS A 250 1.32 -5.55 -42.41
CA HIS A 250 1.01 -4.26 -41.76
C HIS A 250 -0.48 -3.87 -41.79
N ILE A 251 -1.31 -4.60 -42.51
CA ILE A 251 -2.76 -4.27 -42.71
C ILE A 251 -3.62 -5.52 -42.46
N LYS A 252 -4.87 -5.30 -42.05
CA LYS A 252 -5.79 -6.36 -41.59
C LYS A 252 -6.13 -7.28 -42.75
N ASN A 253 -6.24 -6.74 -43.96
CA ASN A 253 -6.59 -7.51 -45.16
C ASN A 253 -5.59 -7.12 -46.25
N ILE A 254 -4.62 -8.01 -46.51
CA ILE A 254 -3.43 -7.83 -47.38
C ILE A 254 -3.85 -7.75 -48.86
N ASP A 255 -5.07 -8.20 -49.21
CA ASP A 255 -5.55 -8.16 -50.61
C ASP A 255 -6.13 -6.77 -50.93
N ALA A 256 -6.23 -5.87 -49.95
CA ALA A 256 -6.65 -4.45 -50.12
C ALA A 256 -5.54 -3.49 -49.66
N LEU A 257 -4.47 -3.34 -50.44
CA LEU A 257 -3.25 -2.58 -50.04
C LEU A 257 -3.56 -1.11 -49.75
N ASP A 258 -4.42 -0.47 -50.56
CA ASP A 258 -4.71 0.99 -50.51
C ASP A 258 -5.72 1.30 -49.40
N SER A 259 -6.68 0.41 -49.14
CA SER A 259 -7.94 0.70 -48.39
C SER A 259 -7.95 0.09 -46.98
N SER A 260 -7.41 -1.12 -46.80
CA SER A 260 -7.47 -1.89 -45.52
C SER A 260 -6.92 -1.06 -44.36
N PRO A 261 -7.59 -1.11 -43.18
CA PRO A 261 -7.04 -0.42 -42.02
C PRO A 261 -5.73 -1.14 -41.60
N PHE A 262 -4.80 -0.35 -41.07
CA PHE A 262 -3.61 -0.87 -40.37
C PHE A 262 -4.06 -1.81 -39.23
N LYS A 263 -3.32 -2.90 -39.03
CA LYS A 263 -3.48 -3.77 -37.83
C LYS A 263 -3.46 -2.90 -36.57
N ASN A 264 -4.15 -3.38 -35.52
CA ASN A 264 -4.25 -2.69 -34.20
C ASN A 264 -2.84 -2.47 -33.66
N VAL A 265 -1.99 -3.48 -33.81
CA VAL A 265 -0.60 -3.47 -33.25
C VAL A 265 0.25 -2.36 -33.89
N TYR A 266 -0.09 -1.84 -35.08
CA TYR A 266 0.69 -0.79 -35.79
C TYR A 266 -0.06 0.56 -35.85
N LYS A 267 -1.34 0.61 -35.51
CA LYS A 267 -2.19 1.82 -35.68
C LYS A 267 -1.46 3.07 -35.16
N ALA A 268 -1.00 3.04 -33.91
CA ALA A 268 -0.45 4.20 -33.16
C ALA A 268 0.83 4.69 -33.85
N MET A 269 1.58 3.77 -34.45
CA MET A 269 2.82 4.05 -35.19
C MET A 269 2.47 4.79 -36.50
N PHE A 270 1.56 4.25 -37.31
CA PHE A 270 1.17 4.79 -38.63
C PHE A 270 0.47 6.14 -38.48
N GLU A 271 -0.21 6.34 -37.35
CA GLU A 271 -0.91 7.61 -37.05
C GLU A 271 0.07 8.69 -36.59
N ASN A 272 1.35 8.40 -36.35
CA ASN A 272 2.33 9.43 -35.93
C ASN A 272 3.69 9.18 -36.63
N LEU A 273 3.66 8.91 -37.94
CA LEU A 273 4.84 8.50 -38.76
C LEU A 273 6.01 9.46 -38.60
N SER A 274 5.78 10.75 -38.48
CA SER A 274 6.87 11.75 -38.52
C SER A 274 7.73 11.67 -37.23
N ARG A 275 7.28 10.94 -36.18
CA ARG A 275 8.12 10.67 -34.97
C ARG A 275 9.34 9.81 -35.36
N TYR A 276 9.21 8.94 -36.36
CA TYR A 276 10.20 7.86 -36.66
C TYR A 276 11.15 8.27 -37.77
N ARG A 277 12.44 8.00 -37.54
CA ARG A 277 13.54 8.21 -38.52
C ARG A 277 13.29 7.31 -39.74
N ALA A 278 12.74 6.13 -39.55
CA ALA A 278 12.51 5.18 -40.66
C ALA A 278 11.60 4.04 -40.20
N ILE A 279 11.08 3.29 -41.17
CA ILE A 279 10.52 1.92 -40.98
C ILE A 279 11.47 0.90 -41.61
N ILE A 280 11.71 -0.17 -40.86
CA ILE A 280 12.38 -1.40 -41.36
C ILE A 280 11.33 -2.50 -41.50
N VAL A 281 11.26 -3.14 -42.64
CA VAL A 281 10.52 -4.42 -42.88
C VAL A 281 11.57 -5.47 -43.30
N SER A 282 11.16 -6.74 -43.45
CA SER A 282 12.08 -7.88 -43.73
C SER A 282 12.30 -8.06 -45.25
N THR A 283 11.33 -7.67 -46.08
CA THR A 283 11.25 -8.07 -47.51
C THR A 283 11.09 -6.84 -48.40
N GLU A 284 11.63 -6.97 -49.61
CA GLU A 284 11.44 -6.06 -50.77
C GLU A 284 9.96 -5.70 -50.93
N GLN A 285 9.11 -6.71 -51.08
CA GLN A 285 7.71 -6.50 -51.52
C GLN A 285 7.02 -5.62 -50.45
N GLN A 286 7.29 -5.89 -49.18
CA GLN A 286 6.67 -5.12 -48.07
C GLN A 286 7.25 -3.69 -48.04
N LYS A 287 8.53 -3.51 -48.34
CA LYS A 287 9.11 -2.15 -48.44
C LYS A 287 8.32 -1.35 -49.49
N LEU A 288 8.10 -1.92 -50.67
CA LEU A 288 7.39 -1.22 -51.77
C LEU A 288 5.90 -1.03 -51.40
N ASP A 289 5.26 -2.03 -50.80
CA ASP A 289 3.82 -1.92 -50.44
C ASP A 289 3.66 -0.80 -49.40
N VAL A 290 4.53 -0.76 -48.40
CA VAL A 290 4.39 0.21 -47.27
C VAL A 290 4.75 1.61 -47.76
N GLU A 291 5.83 1.79 -48.54
CA GLU A 291 6.30 3.15 -48.99
C GLU A 291 5.19 3.80 -49.83
N LYS A 292 4.46 3.01 -50.62
CA LYS A 292 3.29 3.51 -51.39
C LYS A 292 2.19 3.96 -50.41
N ARG A 293 1.75 3.06 -49.53
CA ARG A 293 0.62 3.27 -48.60
C ARG A 293 0.80 4.55 -47.77
N ILE A 294 2.01 4.84 -47.28
CA ILE A 294 2.31 6.04 -46.43
C ILE A 294 2.76 7.22 -47.30
N ASN A 295 2.55 7.16 -48.62
CA ASN A 295 2.99 8.19 -49.61
C ASN A 295 4.40 8.68 -49.27
N HIS A 296 5.39 7.80 -49.07
CA HIS A 296 6.82 8.19 -48.94
C HIS A 296 7.05 9.22 -47.80
N THR A 297 6.19 9.29 -46.78
CA THR A 297 6.31 10.28 -45.66
C THR A 297 7.65 10.15 -44.93
N ILE A 298 8.14 8.93 -44.67
CA ILE A 298 9.48 8.66 -44.10
C ILE A 298 10.11 7.52 -44.88
N PRO A 299 11.45 7.35 -44.83
CA PRO A 299 12.13 6.24 -45.48
C PRO A 299 11.59 4.89 -44.99
N VAL A 300 11.39 3.96 -45.92
CA VAL A 300 11.13 2.52 -45.66
C VAL A 300 12.27 1.71 -46.28
N VAL A 301 12.81 0.77 -45.51
CA VAL A 301 14.01 -0.01 -45.88
C VAL A 301 13.75 -1.48 -45.53
N ASN A 302 14.43 -2.40 -46.20
CA ASN A 302 14.27 -3.86 -45.97
C ASN A 302 15.57 -4.45 -45.47
N ILE A 303 15.55 -4.97 -44.24
CA ILE A 303 16.64 -5.77 -43.64
C ILE A 303 15.99 -7.02 -43.07
N PRO A 304 16.29 -8.21 -43.62
CA PRO A 304 15.72 -9.44 -43.07
C PRO A 304 16.01 -9.60 -41.57
N VAL A 305 15.02 -10.05 -40.79
CA VAL A 305 15.16 -10.33 -39.33
C VAL A 305 16.03 -11.58 -39.09
N GLY A 306 16.22 -12.43 -40.08
CA GLY A 306 16.85 -13.76 -39.91
C GLY A 306 18.15 -13.86 -40.70
N TYR A 307 19.10 -14.66 -40.24
CA TYR A 307 20.40 -14.87 -40.92
C TYR A 307 20.81 -16.34 -40.80
N SER A 308 21.69 -16.84 -41.65
CA SER A 308 22.23 -18.22 -41.52
C SER A 308 23.71 -18.16 -41.15
N GLU A 309 24.17 -19.15 -40.39
CA GLU A 309 25.59 -19.55 -40.30
C GLU A 309 25.80 -20.83 -41.10
N THR A 310 27.02 -21.37 -41.11
CA THR A 310 27.28 -22.78 -41.51
C THR A 310 27.00 -23.64 -40.26
N ILE A 311 26.52 -24.86 -40.50
CA ILE A 311 26.00 -25.77 -39.43
C ILE A 311 27.09 -26.79 -39.18
N ASP A 312 27.43 -27.03 -37.92
CA ASP A 312 28.45 -28.03 -37.52
C ASP A 312 27.74 -29.35 -37.19
N THR A 313 26.41 -29.32 -37.00
CA THR A 313 25.54 -30.52 -36.84
C THR A 313 25.36 -31.22 -38.19
N PRO A 314 24.96 -32.50 -38.22
CA PRO A 314 24.81 -33.22 -39.48
C PRO A 314 23.68 -32.67 -40.37
N VAL A 315 23.86 -32.83 -41.68
CA VAL A 315 22.96 -32.28 -42.75
C VAL A 315 22.58 -33.44 -43.67
N GLN A 316 21.27 -33.64 -43.90
CA GLN A 316 20.74 -34.61 -44.87
C GLN A 316 21.38 -36.01 -44.64
N THR A 317 21.33 -36.50 -43.40
CA THR A 317 21.50 -37.93 -43.05
C THR A 317 20.12 -38.60 -43.07
N LEU A 318 19.59 -38.90 -44.25
CA LEU A 318 18.19 -39.37 -44.39
C LEU A 318 18.05 -40.85 -44.03
N ASP A 319 16.97 -41.20 -43.33
CA ASP A 319 16.48 -42.59 -43.17
C ASP A 319 15.98 -43.05 -44.54
N GLN A 320 16.56 -44.12 -45.08
CA GLN A 320 16.25 -44.62 -46.45
C GLN A 320 14.93 -45.42 -46.41
N ARG A 321 14.33 -45.60 -45.23
CA ARG A 321 13.12 -46.44 -45.01
C ARG A 321 11.86 -45.58 -45.10
N SER A 322 11.87 -44.36 -44.56
CA SER A 322 10.68 -43.47 -44.44
C SER A 322 10.98 -42.05 -44.95
N VAL A 323 9.93 -41.28 -45.20
CA VAL A 323 9.98 -39.86 -45.61
C VAL A 323 9.61 -39.02 -44.39
N LYS A 324 10.52 -38.16 -43.94
CA LYS A 324 10.25 -37.21 -42.82
C LYS A 324 9.92 -35.83 -43.39
N LEU A 325 8.65 -35.42 -43.31
CA LEU A 325 8.19 -34.03 -43.58
C LEU A 325 8.17 -33.30 -42.23
N ILE A 326 8.48 -32.01 -42.22
CA ILE A 326 8.47 -31.18 -40.98
C ILE A 326 7.69 -29.90 -41.25
N SER A 327 7.00 -29.47 -40.20
CA SER A 327 6.35 -28.17 -40.04
C SER A 327 6.93 -27.55 -38.77
N VAL A 328 7.51 -26.37 -38.89
CA VAL A 328 8.10 -25.60 -37.78
C VAL A 328 7.29 -24.31 -37.68
N ALA A 329 6.25 -24.31 -36.86
CA ALA A 329 5.23 -23.23 -36.78
C ALA A 329 4.36 -23.37 -35.54
N ARG A 330 4.01 -22.23 -34.95
CA ARG A 330 2.99 -22.12 -33.88
C ARG A 330 1.73 -22.91 -34.27
N TYR A 331 1.12 -23.58 -33.30
CA TYR A 331 -0.20 -24.25 -33.47
C TYR A 331 -1.25 -23.14 -33.41
N SER A 332 -1.36 -22.38 -34.50
CA SER A 332 -2.13 -21.11 -34.56
C SER A 332 -2.84 -20.98 -35.90
N PRO A 333 -4.04 -20.36 -35.95
CA PRO A 333 -4.89 -20.44 -37.14
C PRO A 333 -4.26 -19.99 -38.47
N GLU A 334 -3.42 -18.94 -38.48
CA GLU A 334 -2.82 -18.38 -39.73
C GLU A 334 -1.82 -19.36 -40.36
N LYS A 335 -1.28 -20.31 -39.61
CA LYS A 335 -0.34 -21.33 -40.14
C LYS A 335 -1.15 -22.44 -40.85
N GLN A 336 -2.46 -22.55 -40.60
CA GLN A 336 -3.38 -23.47 -41.31
C GLN A 336 -2.79 -24.89 -41.30
N LEU A 337 -2.35 -25.34 -40.14
CA LEU A 337 -1.67 -26.65 -40.00
C LEU A 337 -2.64 -27.81 -40.26
N HIS A 338 -3.95 -27.59 -40.15
CA HIS A 338 -4.98 -28.60 -40.50
C HIS A 338 -4.77 -29.03 -41.95
N GLN A 339 -4.34 -28.12 -42.82
CA GLN A 339 -4.14 -28.43 -44.25
C GLN A 339 -3.04 -29.47 -44.42
N GLN A 340 -2.00 -29.47 -43.58
CA GLN A 340 -0.85 -30.40 -43.75
C GLN A 340 -1.29 -31.76 -43.26
N ILE A 341 -2.25 -31.78 -42.32
CA ILE A 341 -2.83 -33.04 -41.84
C ILE A 341 -3.70 -33.63 -42.94
N GLU A 342 -4.49 -32.83 -43.65
CA GLU A 342 -5.23 -33.29 -44.85
C GLU A 342 -4.23 -33.86 -45.86
N LEU A 343 -3.12 -33.18 -46.09
CA LEU A 343 -2.11 -33.60 -47.10
C LEU A 343 -1.65 -35.03 -46.76
N ILE A 344 -1.31 -35.30 -45.49
CA ILE A 344 -0.81 -36.64 -45.06
C ILE A 344 -1.91 -37.71 -45.26
N LYS A 345 -3.17 -37.39 -44.98
CA LYS A 345 -4.33 -38.31 -45.18
C LYS A 345 -4.28 -38.82 -46.63
N ARG A 346 -4.06 -37.92 -47.57
CA ARG A 346 -4.08 -38.20 -49.02
C ARG A 346 -2.83 -38.98 -49.43
N LEU A 347 -1.70 -38.74 -48.77
CA LEU A 347 -0.39 -39.32 -49.18
C LEU A 347 -0.25 -40.72 -48.59
N VAL A 348 -0.90 -40.99 -47.46
CA VAL A 348 -0.59 -42.21 -46.66
C VAL A 348 -0.96 -43.48 -47.46
N SER A 349 -2.01 -43.45 -48.29
CA SER A 349 -2.44 -44.58 -49.14
C SER A 349 -1.41 -44.83 -50.25
N TYR A 350 -0.67 -43.81 -50.68
CA TYR A 350 0.34 -43.91 -51.76
C TYR A 350 1.74 -44.20 -51.20
N VAL A 351 2.16 -43.49 -50.16
CA VAL A 351 3.51 -43.69 -49.56
C VAL A 351 3.28 -43.93 -48.07
N PRO A 352 3.10 -45.20 -47.62
CA PRO A 352 2.72 -45.46 -46.24
C PRO A 352 3.84 -45.28 -45.22
N LYS A 353 5.08 -45.12 -45.64
CA LYS A 353 6.20 -44.92 -44.69
C LYS A 353 6.46 -43.42 -44.54
N ILE A 354 5.40 -42.62 -44.34
CA ILE A 354 5.54 -41.14 -44.28
C ILE A 354 5.37 -40.66 -42.84
N GLU A 355 6.10 -39.63 -42.45
CA GLU A 355 5.99 -39.02 -41.11
C GLU A 355 5.96 -37.50 -41.28
N LEU A 356 5.01 -36.86 -40.60
CA LEU A 356 4.96 -35.39 -40.48
C LEU A 356 5.17 -35.02 -39.02
N HIS A 357 6.26 -34.31 -38.74
CA HIS A 357 6.64 -33.83 -37.39
C HIS A 357 6.38 -32.33 -37.34
N MET A 358 5.48 -31.91 -36.46
CA MET A 358 5.01 -30.53 -36.34
C MET A 358 5.58 -29.96 -35.03
N TYR A 359 6.54 -29.05 -35.12
CA TYR A 359 7.21 -28.42 -33.95
C TYR A 359 6.60 -27.05 -33.68
N GLY A 360 6.05 -26.86 -32.48
CA GLY A 360 5.46 -25.59 -32.06
C GLY A 360 4.57 -25.76 -30.84
N PHE A 361 3.74 -24.77 -30.56
CA PHE A 361 2.77 -24.74 -29.42
C PHE A 361 1.68 -23.74 -29.79
N GLY A 362 0.50 -23.86 -29.19
CA GLY A 362 -0.56 -22.83 -29.23
C GLY A 362 -1.94 -23.45 -29.11
N SER A 363 -2.96 -22.61 -29.25
CA SER A 363 -4.40 -22.88 -28.99
C SER A 363 -4.93 -24.02 -29.88
N GLU A 364 -4.48 -24.13 -31.14
CA GLU A 364 -4.99 -25.10 -32.15
C GLU A 364 -4.58 -26.54 -31.82
N SER A 365 -3.73 -26.79 -30.83
CA SER A 365 -3.14 -28.13 -30.62
C SER A 365 -4.24 -29.17 -30.35
N LYS A 366 -5.36 -28.78 -29.74
CA LYS A 366 -6.49 -29.71 -29.46
C LYS A 366 -7.21 -30.03 -30.77
N LYS A 367 -7.56 -29.04 -31.59
CA LYS A 367 -8.27 -29.30 -32.87
C LYS A 367 -7.37 -30.20 -33.75
N LEU A 368 -6.06 -29.96 -33.74
CA LEU A 368 -5.09 -30.71 -34.58
C LEU A 368 -5.00 -32.17 -34.08
N ASN A 369 -4.92 -32.38 -32.76
CA ASN A 369 -4.97 -33.77 -32.18
C ASN A 369 -6.26 -34.46 -32.59
N GLU A 370 -7.41 -33.78 -32.47
CA GLU A 370 -8.74 -34.34 -32.83
C GLU A 370 -8.76 -34.67 -34.32
N LEU A 371 -8.10 -33.88 -35.14
CA LEU A 371 -8.16 -34.12 -36.60
C LEU A 371 -7.34 -35.37 -36.92
N ILE A 372 -6.23 -35.59 -36.24
CA ILE A 372 -5.34 -36.78 -36.44
C ILE A 372 -6.09 -38.06 -36.01
N GLN A 373 -6.72 -38.06 -34.83
CA GLN A 373 -7.58 -39.18 -34.33
C GLN A 373 -8.67 -39.47 -35.37
N LYS A 374 -9.47 -38.48 -35.74
CA LYS A 374 -10.55 -38.65 -36.74
C LYS A 374 -10.05 -39.45 -37.94
N TYR A 375 -8.91 -39.09 -38.51
CA TYR A 375 -8.35 -39.71 -39.74
C TYR A 375 -7.48 -40.94 -39.41
N GLY A 376 -7.34 -41.31 -38.15
CA GLY A 376 -6.51 -42.49 -37.79
C GLY A 376 -5.08 -42.33 -38.28
N LEU A 377 -4.48 -41.15 -38.05
CA LEU A 377 -3.11 -40.82 -38.51
C LEU A 377 -2.15 -40.72 -37.32
N GLU A 378 -2.49 -41.29 -36.17
CA GLU A 378 -1.66 -41.21 -34.93
C GLU A 378 -0.24 -41.75 -35.17
N ASN A 379 -0.07 -42.65 -36.15
CA ASN A 379 1.19 -43.35 -36.46
C ASN A 379 2.09 -42.52 -37.38
N HIS A 380 1.54 -41.45 -37.98
CA HIS A 380 2.11 -40.73 -39.14
C HIS A 380 2.32 -39.24 -38.86
N VAL A 381 1.46 -38.61 -38.05
CA VAL A 381 1.54 -37.15 -37.72
C VAL A 381 1.81 -37.04 -36.22
N TYR A 382 2.88 -36.32 -35.89
CA TYR A 382 3.41 -36.16 -34.52
C TYR A 382 3.47 -34.68 -34.15
N LEU A 383 2.59 -34.21 -33.28
CA LEU A 383 2.70 -32.89 -32.61
C LEU A 383 3.79 -33.01 -31.54
N ARG A 384 4.97 -32.55 -31.91
CA ARG A 384 6.23 -32.73 -31.15
C ARG A 384 6.34 -31.68 -30.03
N GLY A 385 5.43 -30.71 -29.98
CA GLY A 385 5.54 -29.54 -29.07
C GLY A 385 6.74 -28.68 -29.44
N PHE A 386 7.15 -27.79 -28.53
CA PHE A 386 8.25 -26.85 -28.74
C PHE A 386 9.55 -27.48 -28.28
N LEU A 387 10.56 -27.57 -29.16
CA LEU A 387 11.95 -27.91 -28.80
C LEU A 387 12.78 -26.64 -28.93
N SER A 388 13.65 -26.35 -27.96
CA SER A 388 14.51 -25.14 -27.94
C SER A 388 15.68 -25.34 -28.91
N ASN A 389 16.08 -26.59 -29.17
CA ASN A 389 17.10 -26.90 -30.21
C ASN A 389 16.50 -27.86 -31.26
N LEU A 390 16.40 -27.40 -32.51
CA LEU A 390 15.86 -28.20 -33.63
C LEU A 390 16.98 -28.84 -34.46
N ASP A 391 18.25 -28.52 -34.20
CA ASP A 391 19.37 -28.90 -35.11
C ASP A 391 19.27 -30.37 -35.52
N GLN A 392 19.04 -31.27 -34.54
CA GLN A 392 19.00 -32.76 -34.72
C GLN A 392 17.75 -33.14 -35.53
N GLU A 393 16.67 -32.39 -35.39
CA GLU A 393 15.39 -32.66 -36.09
C GLU A 393 15.48 -32.35 -37.59
N TYR A 394 16.36 -31.44 -38.02
CA TYR A 394 16.55 -31.06 -39.44
C TYR A 394 17.47 -32.07 -40.13
N SER A 395 18.30 -32.77 -39.36
CA SER A 395 19.26 -33.78 -39.88
C SER A 395 18.59 -34.73 -40.88
N ASP A 396 17.44 -35.31 -40.52
CA ASP A 396 16.77 -36.39 -41.30
C ASP A 396 15.50 -35.86 -41.99
N ALA A 397 15.35 -34.56 -42.18
CA ALA A 397 14.14 -33.95 -42.77
C ALA A 397 14.29 -33.87 -44.30
N TYR A 398 13.30 -34.43 -44.99
CA TYR A 398 13.22 -34.55 -46.46
C TYR A 398 12.69 -33.22 -47.02
N LEU A 399 11.69 -32.66 -46.36
CA LEU A 399 11.00 -31.49 -46.89
C LEU A 399 10.38 -30.70 -45.73
N SER A 400 10.29 -29.40 -45.89
CA SER A 400 9.56 -28.63 -44.87
C SER A 400 8.37 -27.97 -45.59
N LEU A 401 7.21 -27.93 -44.93
CA LEU A 401 5.93 -27.41 -45.47
C LEU A 401 5.59 -26.10 -44.76
N ILE A 402 5.04 -25.16 -45.52
CA ILE A 402 4.48 -23.89 -44.99
C ILE A 402 3.14 -23.66 -45.69
N THR A 403 2.04 -23.62 -44.92
CA THR A 403 0.66 -23.45 -45.42
C THR A 403 0.06 -22.16 -44.84
N SER A 404 0.92 -21.28 -44.34
CA SER A 404 0.56 -20.01 -43.68
C SER A 404 -0.15 -19.09 -44.68
N ASN A 405 -1.01 -18.20 -44.21
CA ASN A 405 -1.64 -17.17 -45.08
C ASN A 405 -1.08 -15.79 -44.79
N MET A 406 -0.15 -15.65 -43.84
CA MET A 406 0.47 -14.34 -43.55
C MET A 406 1.76 -14.54 -42.75
N GLU A 407 2.85 -14.05 -43.32
CA GLU A 407 4.18 -14.02 -42.67
C GLU A 407 4.73 -12.59 -42.79
N GLY A 408 5.69 -12.20 -41.97
CA GLY A 408 6.56 -11.03 -42.21
C GLY A 408 7.85 -11.42 -42.92
N PHE A 409 8.29 -12.67 -42.75
CA PHE A 409 9.57 -13.19 -43.29
C PHE A 409 9.57 -14.73 -43.29
N SER A 410 9.37 -15.30 -42.09
CA SER A 410 9.41 -16.74 -41.70
C SER A 410 10.87 -17.12 -41.41
N LEU A 411 11.26 -17.00 -40.14
CA LEU A 411 12.59 -17.42 -39.65
C LEU A 411 12.72 -18.92 -39.86
N ALA A 412 11.62 -19.64 -39.67
CA ALA A 412 11.53 -21.10 -39.85
C ALA A 412 11.89 -21.48 -41.30
N LEU A 413 11.40 -20.74 -42.29
CA LEU A 413 11.77 -20.98 -43.71
C LEU A 413 13.30 -20.86 -43.91
N LEU A 414 13.95 -19.76 -43.53
CA LEU A 414 15.42 -19.61 -43.73
C LEU A 414 16.18 -20.67 -42.94
N GLU A 415 15.77 -20.90 -41.69
CA GLU A 415 16.36 -21.93 -40.78
C GLU A 415 16.36 -23.30 -41.47
N SER A 416 15.26 -23.64 -42.13
CA SER A 416 15.10 -24.91 -42.89
C SER A 416 16.13 -24.94 -44.02
N LEU A 417 16.10 -23.93 -44.88
CA LEU A 417 17.05 -23.80 -46.02
C LEU A 417 18.48 -23.97 -45.53
N ALA A 418 18.83 -23.31 -44.42
CA ALA A 418 20.20 -23.26 -43.86
C ALA A 418 20.65 -24.66 -43.43
N HIS A 419 19.72 -25.54 -43.11
CA HIS A 419 20.04 -26.93 -42.71
C HIS A 419 19.92 -27.84 -43.92
N GLY A 420 19.77 -27.27 -45.10
CA GLY A 420 19.67 -28.03 -46.36
C GLY A 420 18.34 -28.69 -46.52
N VAL A 421 17.31 -28.19 -45.88
CA VAL A 421 15.97 -28.81 -46.05
C VAL A 421 15.18 -27.94 -47.01
N PRO A 422 14.76 -28.46 -48.18
CA PRO A 422 13.99 -27.68 -49.13
C PRO A 422 12.57 -27.42 -48.60
N VAL A 423 11.95 -26.36 -49.08
CA VAL A 423 10.62 -25.95 -48.59
C VAL A 423 9.62 -25.86 -49.73
N ILE A 424 8.39 -26.29 -49.47
CA ILE A 424 7.21 -26.09 -50.36
C ILE A 424 6.29 -25.19 -49.56
N SER A 425 6.02 -24.00 -50.05
CA SER A 425 5.26 -22.97 -49.33
C SER A 425 4.23 -22.37 -50.26
N TYR A 426 3.07 -22.02 -49.74
CA TYR A 426 2.18 -21.05 -50.43
C TYR A 426 2.95 -19.75 -50.69
N ASP A 427 2.64 -19.13 -51.82
CA ASP A 427 3.17 -17.82 -52.28
C ASP A 427 2.30 -16.72 -51.67
N ILE A 428 2.68 -16.26 -50.49
CA ILE A 428 1.90 -15.28 -49.69
C ILE A 428 2.83 -14.14 -49.33
N LYS A 429 2.25 -13.00 -48.96
CA LYS A 429 2.94 -11.85 -48.32
C LYS A 429 3.14 -12.18 -46.85
N TYR A 430 4.38 -12.15 -46.36
CA TYR A 430 5.59 -11.85 -47.09
C TYR A 430 6.68 -12.88 -46.75
N GLY A 431 7.55 -13.15 -47.73
CA GLY A 431 8.86 -13.78 -47.48
C GLY A 431 9.09 -14.99 -48.37
N PRO A 432 8.13 -15.94 -48.43
CA PRO A 432 8.35 -17.17 -49.19
C PRO A 432 8.96 -16.91 -50.59
N ASN A 433 8.42 -15.95 -51.36
CA ASN A 433 8.81 -15.85 -52.79
C ASN A 433 10.19 -15.17 -52.97
N GLU A 434 10.65 -14.49 -51.93
CA GLU A 434 12.00 -13.92 -51.82
C GLU A 434 13.00 -14.99 -51.32
N LEU A 435 12.53 -16.06 -50.67
CA LEU A 435 13.40 -17.08 -50.01
C LEU A 435 13.43 -18.37 -50.83
N ILE A 436 12.40 -18.63 -51.64
CA ILE A 436 12.29 -19.85 -52.48
C ILE A 436 12.27 -19.42 -53.95
N THR A 437 13.14 -20.02 -54.76
CA THR A 437 13.06 -19.96 -56.24
C THR A 437 12.49 -21.31 -56.72
N SER A 438 11.29 -21.31 -57.27
CA SER A 438 10.62 -22.55 -57.74
C SER A 438 11.65 -23.37 -58.53
N ASP A 439 11.84 -24.62 -58.13
CA ASP A 439 12.66 -25.66 -58.83
C ASP A 439 14.14 -25.44 -58.56
N PHE A 440 14.49 -24.45 -57.73
CA PHE A 440 15.87 -24.25 -57.22
C PHE A 440 16.05 -24.82 -55.80
N ASN A 441 15.27 -24.33 -54.81
CA ASN A 441 15.43 -24.73 -53.37
C ASN A 441 14.07 -25.15 -52.75
N GLY A 442 13.05 -25.30 -53.59
CA GLY A 442 11.69 -25.70 -53.19
C GLY A 442 10.69 -25.35 -54.26
N TYR A 443 9.43 -25.16 -53.91
CA TYR A 443 8.38 -24.77 -54.87
C TYR A 443 7.47 -23.81 -54.15
N LEU A 444 7.08 -22.75 -54.83
CA LEU A 444 5.98 -21.86 -54.40
C LEU A 444 4.72 -22.40 -55.03
N ILE A 445 3.60 -22.34 -54.33
CA ILE A 445 2.32 -22.82 -54.90
C ILE A 445 1.22 -21.82 -54.51
N THR A 446 0.21 -21.66 -55.37
CA THR A 446 -0.84 -20.63 -55.18
C THR A 446 -1.50 -20.84 -53.81
N LYS A 447 -1.69 -19.75 -53.07
CA LYS A 447 -2.33 -19.70 -51.74
C LYS A 447 -3.58 -20.60 -51.74
N ASN A 448 -3.55 -21.65 -50.92
CA ASN A 448 -4.73 -22.46 -50.51
C ASN A 448 -5.09 -23.43 -51.62
N ASP A 449 -4.22 -23.57 -52.62
CA ASP A 449 -4.36 -24.62 -53.65
C ASP A 449 -3.81 -25.94 -53.10
N GLU A 450 -4.61 -26.66 -52.32
CA GLU A 450 -4.18 -27.93 -51.69
C GLU A 450 -3.93 -29.03 -52.73
N ASP A 451 -4.54 -28.96 -53.92
CA ASP A 451 -4.24 -29.95 -55.01
C ASP A 451 -2.79 -29.78 -55.47
N ALA A 452 -2.38 -28.56 -55.84
CA ALA A 452 -1.01 -28.26 -56.30
C ALA A 452 -0.04 -28.65 -55.18
N LEU A 453 -0.44 -28.47 -53.91
CA LEU A 453 0.41 -28.84 -52.75
C LEU A 453 0.69 -30.34 -52.84
N PHE A 454 -0.36 -31.16 -52.90
CA PHE A 454 -0.24 -32.63 -52.98
C PHE A 454 0.64 -33.03 -54.17
N ASP A 455 0.38 -32.45 -55.34
CA ASP A 455 1.04 -32.82 -56.61
C ASP A 455 2.56 -32.64 -56.45
N LYS A 456 2.95 -31.50 -55.87
CA LYS A 456 4.38 -31.10 -55.84
C LYS A 456 5.08 -31.85 -54.71
N VAL A 457 4.43 -32.03 -53.56
CA VAL A 457 5.04 -32.85 -52.46
C VAL A 457 5.18 -34.29 -52.95
N LYS A 458 4.17 -34.81 -53.67
CA LYS A 458 4.26 -36.15 -54.29
C LYS A 458 5.43 -36.22 -55.29
N TYR A 459 5.60 -35.19 -56.11
CA TYR A 459 6.70 -35.16 -57.12
C TYR A 459 8.08 -35.33 -56.44
N VAL A 460 8.30 -34.69 -55.29
CA VAL A 460 9.64 -34.69 -54.62
C VAL A 460 9.85 -36.02 -53.91
N ILE A 461 8.79 -36.64 -53.42
CA ILE A 461 8.85 -37.99 -52.79
C ILE A 461 9.21 -38.99 -53.88
N ASP A 462 8.52 -38.91 -55.03
CA ASP A 462 8.79 -39.80 -56.21
C ASP A 462 10.23 -39.65 -56.71
N HIS A 463 10.89 -38.50 -56.52
CA HIS A 463 12.18 -38.17 -57.18
C HIS A 463 13.25 -37.78 -56.16
N PRO A 464 13.79 -38.75 -55.38
CA PRO A 464 14.83 -38.46 -54.40
C PRO A 464 16.06 -37.72 -54.97
N GLU A 465 16.29 -37.85 -56.27
CA GLU A 465 17.36 -37.14 -57.01
C GLU A 465 17.02 -35.64 -57.03
N VAL A 466 15.74 -35.28 -57.26
CA VAL A 466 15.28 -33.86 -57.23
C VAL A 466 15.46 -33.27 -55.82
N GLN A 467 15.10 -34.03 -54.79
CA GLN A 467 15.21 -33.58 -53.37
C GLN A 467 16.68 -33.31 -53.08
N GLN A 468 17.60 -34.14 -53.56
CA GLN A 468 19.07 -33.89 -53.40
C GLN A 468 19.46 -32.57 -54.07
N ARG A 469 18.93 -32.28 -55.25
CA ARG A 469 19.28 -31.06 -56.03
C ARG A 469 18.72 -29.81 -55.31
N LEU A 470 17.45 -29.86 -54.87
CA LEU A 470 16.80 -28.76 -54.13
C LEU A 470 17.51 -28.53 -52.77
N SER A 471 17.93 -29.59 -52.09
CA SER A 471 18.73 -29.51 -50.84
C SER A 471 19.95 -28.60 -51.07
N LYS A 472 20.68 -28.79 -52.17
CA LYS A 472 21.96 -28.10 -52.42
C LYS A 472 21.62 -26.65 -52.80
N GLY A 473 20.53 -26.45 -53.55
CA GLY A 473 20.00 -25.09 -53.77
C GLY A 473 19.66 -24.38 -52.46
N SER A 474 19.09 -25.10 -51.49
CA SER A 474 18.75 -24.58 -50.15
C SER A 474 20.01 -24.04 -49.47
N LEU A 475 21.10 -24.79 -49.42
CA LEU A 475 22.37 -24.30 -48.80
C LEU A 475 22.88 -23.06 -49.55
N ALA A 476 22.69 -22.98 -50.87
CA ALA A 476 23.20 -21.87 -51.71
C ALA A 476 22.39 -20.61 -51.38
N LYS A 477 21.06 -20.71 -51.43
CA LYS A 477 20.15 -19.59 -51.12
C LYS A 477 20.41 -19.08 -49.68
N ALA A 478 20.61 -19.97 -48.72
CA ALA A 478 20.87 -19.61 -47.31
C ALA A 478 22.07 -18.65 -47.22
N GLN A 479 23.07 -18.85 -48.08
CA GLN A 479 24.32 -18.06 -48.16
C GLN A 479 24.00 -16.59 -48.50
N GLN A 480 22.92 -16.33 -49.24
CA GLN A 480 22.50 -14.94 -49.56
C GLN A 480 21.93 -14.22 -48.34
N TYR A 481 21.67 -14.94 -47.25
CA TYR A 481 21.17 -14.42 -45.95
C TYR A 481 22.23 -14.65 -44.86
N SER A 482 23.50 -14.73 -45.24
CA SER A 482 24.62 -15.01 -44.29
C SER A 482 24.69 -13.88 -43.25
N LYS A 483 25.30 -14.20 -42.12
CA LYS A 483 25.71 -13.26 -41.04
C LYS A 483 26.40 -12.06 -41.66
N ALA A 484 27.43 -12.29 -42.47
CA ALA A 484 28.26 -11.25 -43.13
C ALA A 484 27.35 -10.33 -43.95
N SER A 485 26.44 -10.89 -44.75
CA SER A 485 25.51 -10.11 -45.62
C SER A 485 24.61 -9.23 -44.76
N LEU A 486 24.05 -9.72 -43.65
CA LEU A 486 23.19 -8.91 -42.74
C LEU A 486 24.04 -7.85 -42.03
N ILE A 487 25.24 -8.17 -41.56
CA ILE A 487 26.13 -7.14 -40.94
C ILE A 487 26.39 -5.99 -41.93
N LYS A 488 26.57 -6.26 -43.22
CA LYS A 488 26.91 -5.22 -44.21
C LYS A 488 25.76 -4.20 -44.29
N GLN A 489 24.50 -4.67 -44.25
CA GLN A 489 23.29 -3.82 -44.33
C GLN A 489 23.05 -3.05 -43.03
N TRP A 490 23.20 -3.69 -41.86
CA TRP A 490 23.02 -3.03 -40.55
C TRP A 490 24.07 -1.93 -40.36
N ASP A 491 25.32 -2.19 -40.71
CA ASP A 491 26.40 -1.19 -40.63
C ASP A 491 26.05 0.03 -41.49
N GLN A 492 25.66 -0.16 -42.73
CA GLN A 492 25.36 1.02 -43.57
C GLN A 492 24.16 1.75 -42.92
N PHE A 493 23.14 1.01 -42.50
CA PHE A 493 21.89 1.60 -41.94
C PHE A 493 22.25 2.52 -40.77
N VAL A 494 23.03 2.01 -39.81
CA VAL A 494 23.31 2.72 -38.53
C VAL A 494 24.15 3.96 -38.81
N ARG A 495 25.05 3.90 -39.80
CA ARG A 495 25.94 5.02 -40.21
C ARG A 495 25.14 6.16 -40.87
N LEU A 496 24.00 5.87 -41.51
CA LEU A 496 23.22 6.91 -42.26
C LEU A 496 22.01 7.43 -41.49
N ILE A 497 21.50 6.68 -40.51
CA ILE A 497 20.21 6.95 -39.82
C ILE A 497 20.19 8.24 -38.98
N LEU A 498 21.21 8.54 -38.19
CA LEU A 498 21.16 9.77 -37.36
C LEU A 498 21.31 11.01 -38.23
N GLU A 499 20.67 12.10 -37.80
CA GLU A 499 20.64 13.39 -38.51
C GLU A 499 22.01 14.06 -38.42
N HIS A 500 22.38 14.81 -39.48
CA HIS A 500 23.64 15.58 -39.58
C HIS A 500 23.41 16.73 -40.55
N ALA B 1 13.90 0.95 38.99
CA ALA B 1 12.49 0.47 38.92
C ALA B 1 11.57 1.62 38.49
N MET B 2 10.81 1.43 37.42
CA MET B 2 9.97 2.48 36.76
C MET B 2 8.51 2.26 37.12
N ASN B 3 7.78 3.36 37.32
CA ASN B 3 6.30 3.41 37.49
C ASN B 3 5.70 3.91 36.18
N TYR B 4 4.88 3.10 35.53
CA TYR B 4 4.25 3.44 34.23
C TYR B 4 2.76 3.69 34.42
N PHE B 5 2.27 4.85 34.00
CA PHE B 5 0.84 5.21 34.02
C PHE B 5 0.31 5.14 32.59
N VAL B 6 -0.55 4.16 32.31
CA VAL B 6 -0.95 3.77 30.92
C VAL B 6 -2.34 4.34 30.65
N GLY B 7 -2.43 5.28 29.74
CA GLY B 7 -3.70 5.86 29.29
C GLY B 7 -3.86 5.65 27.80
N ASN B 8 -4.69 6.43 27.14
CA ASN B 8 -4.81 6.22 25.67
C ASN B 8 -3.96 7.27 24.94
N SER B 9 -4.22 8.55 25.18
CA SER B 9 -3.45 9.64 24.55
C SER B 9 -3.71 10.95 25.28
N LEU B 10 -3.09 12.02 24.80
CA LEU B 10 -3.40 13.36 25.30
C LEU B 10 -4.06 14.12 24.15
N GLY B 11 -5.27 14.64 24.31
CA GLY B 11 -5.91 15.49 23.30
C GLY B 11 -5.31 16.89 23.22
N VAL B 12 -5.82 17.65 22.25
CA VAL B 12 -5.54 19.10 22.05
C VAL B 12 -6.01 19.81 23.32
N ASN B 13 -7.12 19.35 23.87
CA ASN B 13 -7.72 19.79 25.15
C ASN B 13 -7.72 18.59 26.12
N LEU B 14 -7.16 18.82 27.28
CA LEU B 14 -7.07 17.75 28.28
C LEU B 14 -8.43 17.36 28.86
N THR B 15 -8.68 16.06 28.87
CA THR B 15 -9.74 15.38 29.67
C THR B 15 -9.33 15.39 31.17
N GLY B 16 -10.30 15.19 32.05
CA GLY B 16 -10.07 14.87 33.48
C GLY B 16 -9.07 13.75 33.69
N ILE B 17 -9.19 12.67 32.97
CA ILE B 17 -8.37 11.45 33.20
C ILE B 17 -6.93 11.74 32.81
N GLU B 18 -6.74 12.41 31.67
CA GLU B 18 -5.40 12.86 31.19
C GLU B 18 -4.83 13.78 32.30
N LYS B 19 -5.63 14.67 32.88
CA LYS B 19 -5.12 15.59 33.92
C LYS B 19 -4.68 14.80 35.18
N ALA B 20 -5.47 13.82 35.62
CA ALA B 20 -5.19 12.94 36.79
C ALA B 20 -3.81 12.29 36.60
N ILE B 21 -3.55 11.77 35.40
CA ILE B 21 -2.27 11.11 35.05
C ILE B 21 -1.12 12.13 35.18
N ILE B 22 -1.28 13.34 34.68
CA ILE B 22 -0.23 14.37 34.74
C ILE B 22 -0.02 14.78 36.21
N ASN B 23 -1.10 14.96 36.95
CA ASN B 23 -1.03 15.24 38.41
C ASN B 23 -0.19 14.16 39.10
N ARG B 24 -0.44 12.90 38.79
CA ARG B 24 0.25 11.77 39.46
C ARG B 24 1.73 11.83 39.07
N LEU B 25 2.07 12.11 37.82
CA LEU B 25 3.50 12.20 37.40
C LEU B 25 4.19 13.33 38.17
N ASN B 26 3.52 14.47 38.34
CA ASN B 26 4.10 15.61 39.08
C ASN B 26 4.31 15.25 40.56
N LEU B 27 3.44 14.41 41.14
CA LEU B 27 3.60 13.99 42.56
C LEU B 27 4.79 13.03 42.63
N PHE B 28 4.91 12.09 41.70
CA PHE B 28 6.05 11.14 41.66
C PHE B 28 7.34 11.93 41.45
N LYS B 29 7.31 12.99 40.63
CA LYS B 29 8.52 13.77 40.31
C LYS B 29 9.03 14.48 41.58
N GLU B 30 8.12 15.05 42.38
CA GLU B 30 8.43 15.88 43.58
C GLU B 30 8.94 14.97 44.71
N MET B 31 8.54 13.70 44.77
CA MET B 31 8.96 12.77 45.84
C MET B 31 10.19 11.96 45.38
N GLY B 32 10.65 12.16 44.15
CA GLY B 32 11.91 11.56 43.65
C GLY B 32 11.76 10.15 43.09
N ARG B 33 10.54 9.67 42.80
CA ARG B 33 10.29 8.30 42.24
C ARG B 33 10.19 8.39 40.72
N PRO B 34 10.87 7.49 39.98
CA PRO B 34 10.78 7.50 38.52
C PRO B 34 9.36 7.15 38.07
N ALA B 35 8.77 7.98 37.21
CA ALA B 35 7.45 7.75 36.59
C ALA B 35 7.46 8.15 35.12
N GLN B 36 6.69 7.45 34.29
CA GLN B 36 6.46 7.82 32.88
C GLN B 36 5.01 7.55 32.51
N CYS B 37 4.39 8.48 31.79
CA CYS B 37 3.10 8.21 31.12
C CYS B 37 3.39 7.27 29.95
N VAL B 38 2.49 6.31 29.73
CA VAL B 38 2.47 5.45 28.53
C VAL B 38 1.16 5.68 27.76
N PHE B 39 1.27 5.99 26.48
CA PHE B 39 0.12 6.33 25.60
C PHE B 39 0.06 5.28 24.51
N LEU B 40 -1.11 4.74 24.23
CA LEU B 40 -1.22 3.56 23.33
C LEU B 40 -1.51 4.03 21.89
N SER B 41 -2.47 4.93 21.70
CA SER B 41 -3.09 5.13 20.37
C SER B 41 -2.13 5.96 19.49
N TRP B 42 -2.26 5.81 18.17
CA TRP B 42 -1.51 6.62 17.18
C TRP B 42 -1.96 8.08 17.31
N ASN B 43 -1.07 9.00 17.65
CA ASN B 43 -1.39 10.46 17.71
C ASN B 43 -0.16 11.28 17.28
N ARG B 44 -0.15 11.73 16.04
CA ARG B 44 0.96 12.43 15.39
C ARG B 44 1.05 13.86 15.94
N TYR B 45 0.07 14.30 16.73
CA TYR B 45 0.08 15.63 17.41
C TYR B 45 0.49 15.52 18.88
N LEU B 46 0.74 14.32 19.39
CA LEU B 46 1.04 14.07 20.82
C LEU B 46 2.18 14.99 21.28
N TYR B 47 3.26 15.07 20.54
CA TYR B 47 4.42 15.87 20.96
C TYR B 47 3.99 17.31 21.25
N ARG B 48 3.08 17.86 20.45
CA ARG B 48 2.58 19.25 20.61
C ARG B 48 1.65 19.30 21.82
N ASN B 49 0.72 18.35 21.94
CA ASN B 49 -0.34 18.28 22.99
C ASN B 49 0.31 18.17 24.38
N ALA B 50 1.48 17.51 24.48
CA ALA B 50 2.26 17.26 25.71
C ALA B 50 2.96 18.52 26.21
N GLN B 51 3.18 19.50 25.34
CA GLN B 51 4.22 20.54 25.54
C GLN B 51 3.91 21.46 26.73
N ASN B 52 2.64 21.75 27.00
CA ASN B 52 2.25 22.61 28.15
C ASN B 52 2.37 21.89 29.51
N TYR B 53 2.54 20.55 29.56
CA TYR B 53 2.26 19.77 30.80
C TYR B 53 3.46 18.95 31.23
N ILE B 54 4.03 18.22 30.27
CA ILE B 54 5.13 17.27 30.56
C ILE B 54 6.27 17.43 29.57
N THR B 55 7.34 16.74 29.87
CA THR B 55 8.61 16.73 29.12
C THR B 55 8.54 15.61 28.08
N SER B 56 9.38 15.70 27.06
CA SER B 56 9.56 14.64 26.03
C SER B 56 10.03 13.33 26.68
N SER B 57 10.86 13.40 27.72
CA SER B 57 11.34 12.22 28.47
C SER B 57 10.27 11.60 29.38
N ASP B 58 9.20 12.33 29.68
CA ASP B 58 8.14 11.91 30.64
C ASP B 58 7.14 10.91 30.06
N TYR B 59 7.25 10.55 28.79
CA TYR B 59 6.30 9.57 28.23
C TYR B 59 6.90 8.78 27.06
N ILE B 60 6.31 7.62 26.84
CA ILE B 60 6.55 6.68 25.71
C ILE B 60 5.19 6.50 25.05
N ASN B 61 5.06 6.69 23.74
CA ASN B 61 3.84 6.30 22.98
C ASN B 61 4.18 5.03 22.17
N MET B 62 3.25 4.08 22.11
CA MET B 62 3.52 2.73 21.54
C MET B 62 3.93 2.84 20.06
N TYR B 63 3.22 3.66 19.29
CA TYR B 63 3.48 3.90 17.84
C TYR B 63 4.84 4.58 17.69
N ASP B 64 5.17 5.53 18.56
CA ASP B 64 6.51 6.19 18.61
C ASP B 64 7.57 5.11 18.77
N PHE B 65 7.31 4.16 19.67
CA PHE B 65 8.31 3.14 20.07
C PHE B 65 8.65 2.31 18.83
N PHE B 66 7.66 1.73 18.16
CA PHE B 66 7.85 0.88 16.95
C PHE B 66 8.30 1.74 15.75
N GLN B 67 7.91 3.03 15.72
CA GLN B 67 8.27 3.98 14.63
C GLN B 67 9.65 4.57 14.90
N GLU B 68 10.31 4.24 16.01
CA GLU B 68 11.72 4.64 16.29
C GLU B 68 11.77 6.16 16.41
N ALA B 69 10.70 6.75 16.96
CA ALA B 69 10.53 8.20 17.20
C ALA B 69 10.33 8.49 18.68
N THR B 70 10.65 7.54 19.56
CA THR B 70 10.44 7.66 21.02
C THR B 70 11.55 8.61 21.55
N TYR B 71 11.17 9.72 22.17
CA TYR B 71 12.07 10.82 22.61
C TYR B 71 12.62 11.67 21.44
N LEU B 72 12.17 11.52 20.20
CA LEU B 72 12.65 12.38 19.06
C LEU B 72 12.02 13.78 19.17
N GLU B 73 12.81 14.81 18.91
CA GLU B 73 12.38 16.23 19.01
C GLU B 73 11.98 16.75 17.60
N ARG B 74 11.20 17.83 17.59
CA ARG B 74 10.88 18.72 16.45
C ARG B 74 12.12 18.91 15.55
N ASN B 75 11.95 18.76 14.24
CA ASN B 75 13.01 18.96 13.21
C ASN B 75 13.24 20.45 12.93
N GLU B 76 14.34 20.74 12.25
CA GLU B 76 14.53 22.01 11.49
C GLU B 76 13.32 22.19 10.57
N PRO B 77 12.60 23.33 10.64
CA PRO B 77 11.32 23.47 9.95
C PRO B 77 11.57 23.56 8.43
N PHE B 78 10.79 22.83 7.63
CA PHE B 78 11.08 22.62 6.19
C PHE B 78 10.00 23.31 5.34
N ASP B 79 10.44 24.02 4.30
CA ASP B 79 9.54 24.87 3.47
C ASP B 79 8.97 24.02 2.33
N TRP B 80 7.80 23.44 2.56
CA TRP B 80 7.04 22.65 1.57
C TRP B 80 6.62 23.52 0.37
N LEU B 81 6.07 24.72 0.57
CA LEU B 81 5.59 25.61 -0.53
C LEU B 81 6.74 25.87 -1.51
N SER B 82 7.90 26.21 -0.98
CA SER B 82 9.10 26.54 -1.78
C SER B 82 9.63 25.24 -2.43
N TYR B 83 9.65 24.12 -1.72
CA TYR B 83 10.07 22.84 -2.33
C TYR B 83 9.21 22.52 -3.56
N TRP B 84 7.89 22.70 -3.45
CA TRP B 84 6.91 22.29 -4.49
C TRP B 84 6.99 23.21 -5.74
N THR B 85 7.10 24.52 -5.54
CA THR B 85 7.13 25.50 -6.67
C THR B 85 8.55 25.61 -7.21
N ASP B 86 9.58 25.82 -6.36
CA ASP B 86 10.98 26.09 -6.79
C ASP B 86 11.70 24.80 -7.19
N GLU B 87 11.53 23.70 -6.43
CA GLU B 87 12.32 22.47 -6.69
C GLU B 87 11.50 21.53 -7.58
N CYS B 88 10.18 21.42 -7.39
CA CYS B 88 9.32 20.44 -8.11
C CYS B 88 8.71 21.05 -9.39
N HIS B 89 8.55 22.38 -9.44
CA HIS B 89 7.96 23.15 -10.57
C HIS B 89 6.46 22.87 -10.71
N TYR B 90 5.78 22.56 -9.60
CA TYR B 90 4.32 22.52 -9.45
C TYR B 90 3.77 23.94 -9.36
N THR B 91 2.48 24.11 -9.62
CA THR B 91 1.74 25.37 -9.37
C THR B 91 0.75 25.15 -8.23
N LEU B 92 0.73 26.06 -7.26
CA LEU B 92 -0.15 26.00 -6.08
C LEU B 92 -1.30 27.00 -6.28
N LYS B 93 -2.53 26.56 -5.98
CA LYS B 93 -3.76 27.37 -5.91
C LYS B 93 -4.19 27.33 -4.43
N HIS B 94 -3.99 28.43 -3.69
CA HIS B 94 -4.44 28.59 -2.29
C HIS B 94 -5.98 28.46 -2.23
N VAL B 95 -6.50 27.69 -1.29
CA VAL B 95 -7.96 27.56 -1.07
C VAL B 95 -8.39 28.72 -0.16
N GLU B 96 -9.49 29.39 -0.49
CA GLU B 96 -10.01 30.57 0.26
C GLU B 96 -10.38 30.11 1.70
N ASN B 97 -9.95 30.88 2.71
CA ASN B 97 -10.36 30.72 4.14
C ASN B 97 -9.88 29.37 4.69
N SER B 98 -8.59 29.06 4.50
CA SER B 98 -7.96 27.79 4.95
C SER B 98 -6.44 27.94 4.96
N HIS B 99 -5.76 26.92 5.45
CA HIS B 99 -4.28 26.76 5.36
C HIS B 99 -3.95 25.69 4.28
N ASP B 100 -4.78 25.63 3.23
CA ASP B 100 -4.78 24.54 2.22
C ASP B 100 -4.30 25.02 0.83
N PHE B 101 -3.56 24.17 0.12
CA PHE B 101 -3.23 24.32 -1.32
C PHE B 101 -3.68 23.11 -2.13
N ARG B 102 -4.30 23.37 -3.28
CA ARG B 102 -4.32 22.43 -4.42
C ARG B 102 -2.97 22.51 -5.16
N ILE B 103 -2.48 21.36 -5.62
CA ILE B 103 -1.15 21.18 -6.27
C ILE B 103 -1.34 20.55 -7.66
N TYR B 104 -0.92 21.27 -8.71
CA TYR B 104 -0.99 20.88 -10.13
C TYR B 104 0.41 20.81 -10.73
N ASP B 105 0.57 19.91 -11.69
CA ASP B 105 1.71 19.74 -12.61
C ASP B 105 1.14 19.22 -13.93
N GLN B 106 1.68 19.70 -15.05
CA GLN B 106 1.33 19.23 -16.42
C GLN B 106 -0.19 19.32 -16.59
N GLU B 107 -0.82 20.38 -16.10
CA GLU B 107 -2.28 20.65 -16.22
C GLU B 107 -3.12 19.54 -15.58
N ARG B 108 -2.61 18.92 -14.52
CA ARG B 108 -3.31 17.84 -13.77
C ARG B 108 -3.40 18.19 -12.28
N PHE B 109 -4.51 17.83 -11.63
CA PHE B 109 -4.64 17.97 -10.15
C PHE B 109 -3.97 16.75 -9.52
N LEU B 110 -2.89 16.96 -8.77
CA LEU B 110 -2.05 15.88 -8.19
C LEU B 110 -2.40 15.63 -6.73
N MET B 111 -2.49 16.71 -5.94
CA MET B 111 -2.46 16.65 -4.45
C MET B 111 -3.25 17.81 -3.83
N TYR B 112 -3.78 17.58 -2.63
CA TYR B 112 -4.40 18.62 -1.77
C TYR B 112 -3.63 18.65 -0.48
N ALA B 113 -3.01 19.78 -0.10
CA ALA B 113 -2.16 19.90 1.09
C ALA B 113 -2.90 20.74 2.13
N HIS B 114 -2.92 20.27 3.38
CA HIS B 114 -3.48 21.04 4.52
C HIS B 114 -2.35 21.31 5.53
N PHE B 115 -2.12 22.59 5.86
CA PHE B 115 -1.20 23.01 6.95
C PHE B 115 -1.98 23.26 8.26
N GLN B 116 -1.27 23.15 9.39
CA GLN B 116 -1.85 23.40 10.74
C GLN B 116 -1.99 24.91 10.96
N ASP B 117 -1.01 25.70 10.51
CA ASP B 117 -0.75 27.10 10.95
C ASP B 117 -0.81 28.06 9.77
N PRO B 118 -0.97 29.38 10.01
CA PRO B 118 -1.02 30.37 8.92
C PRO B 118 0.34 30.66 8.25
N LYS B 119 1.46 30.46 8.94
CA LYS B 119 2.83 30.63 8.37
C LYS B 119 3.24 29.38 7.55
N TYR B 120 2.32 28.43 7.31
CA TYR B 120 2.53 27.15 6.57
C TYR B 120 3.86 26.48 6.93
N ARG B 121 4.25 26.44 8.21
CA ARG B 121 5.51 25.80 8.68
C ARG B 121 5.22 24.37 9.16
N ILE B 122 3.95 23.98 9.33
CA ILE B 122 3.59 22.63 9.84
C ILE B 122 2.63 21.98 8.84
N LEU B 123 3.16 21.15 7.96
CA LEU B 123 2.33 20.31 7.09
C LEU B 123 1.63 19.28 7.99
N ASP B 124 0.30 19.17 7.84
CA ASP B 124 -0.61 18.27 8.56
C ASP B 124 -0.87 16.99 7.72
N TYR B 125 -1.54 17.11 6.57
CA TYR B 125 -1.77 15.97 5.65
C TYR B 125 -1.71 16.41 4.19
N VAL B 126 -1.56 15.42 3.31
CA VAL B 126 -1.56 15.58 1.82
C VAL B 126 -2.39 14.44 1.23
N ASN B 127 -3.47 14.78 0.52
CA ASN B 127 -4.30 13.82 -0.25
C ASN B 127 -3.75 13.71 -1.68
N HIS B 128 -3.72 12.48 -2.18
CA HIS B 128 -3.25 12.09 -3.53
C HIS B 128 -4.42 11.56 -4.35
N PHE B 129 -4.49 11.94 -5.63
CA PHE B 129 -5.61 11.62 -6.55
C PHE B 129 -5.10 10.97 -7.82
N ASP B 130 -5.89 10.03 -8.34
CA ASP B 130 -5.57 9.34 -9.62
C ASP B 130 -6.07 10.20 -10.81
N SER B 131 -5.99 9.65 -12.01
CA SER B 131 -6.38 10.29 -13.29
C SER B 131 -7.86 10.67 -13.30
N GLN B 132 -8.65 10.15 -12.36
CA GLN B 132 -10.10 10.41 -12.34
C GLN B 132 -10.55 11.10 -11.06
N ARG B 133 -9.60 11.67 -10.30
CA ARG B 133 -9.84 12.43 -9.05
C ARG B 133 -10.36 11.52 -7.94
N ARG B 134 -10.06 10.21 -7.96
CA ARG B 134 -10.29 9.34 -6.78
C ARG B 134 -9.14 9.63 -5.82
N LYS B 135 -9.49 9.85 -4.55
CA LYS B 135 -8.53 9.98 -3.44
C LYS B 135 -8.01 8.60 -3.04
N VAL B 136 -6.83 8.21 -3.53
CA VAL B 136 -6.29 6.83 -3.38
C VAL B 136 -5.43 6.73 -2.12
N LYS B 137 -4.91 7.82 -1.58
CA LYS B 137 -3.92 7.78 -0.50
C LYS B 137 -3.91 9.11 0.28
N ARG B 138 -3.75 9.05 1.60
CA ARG B 138 -3.58 10.22 2.50
C ARG B 138 -2.26 10.06 3.25
N ASP B 139 -1.38 11.06 3.15
CA ASP B 139 -0.09 11.15 3.88
C ASP B 139 -0.32 12.01 5.12
N PHE B 140 -0.03 11.47 6.31
CA PHE B 140 -0.23 12.16 7.60
C PHE B 140 1.14 12.47 8.23
N TYR B 141 1.42 13.75 8.41
CA TYR B 141 2.71 14.27 8.95
C TYR B 141 2.59 14.46 10.45
N ASP B 142 3.57 13.92 11.17
CA ASP B 142 3.84 14.17 12.60
C ASP B 142 4.26 15.64 12.72
N VAL B 143 3.79 16.28 13.78
CA VAL B 143 3.98 17.74 13.98
C VAL B 143 5.49 17.98 14.13
N ARG B 144 6.28 16.93 14.37
CA ARG B 144 7.76 17.01 14.46
C ARG B 144 8.40 17.08 13.07
N GLY B 145 7.66 16.76 11.99
CA GLY B 145 8.09 17.01 10.60
C GLY B 145 8.03 15.79 9.69
N PHE B 146 8.29 14.58 10.21
CA PHE B 146 8.36 13.34 9.39
C PHE B 146 6.94 12.89 9.00
N LEU B 147 6.85 12.19 7.86
CA LEU B 147 5.63 11.48 7.39
C LEU B 147 5.43 10.26 8.30
N SER B 148 4.30 10.17 8.97
CA SER B 148 4.07 9.18 10.06
C SER B 148 3.29 7.98 9.52
N CYS B 149 2.21 8.26 8.78
CA CYS B 149 1.25 7.27 8.26
C CYS B 149 0.81 7.64 6.85
N SER B 150 0.77 6.66 5.95
CA SER B 150 0.01 6.67 4.69
C SER B 150 -1.20 5.74 4.83
N ARG B 151 -2.40 6.26 4.60
CA ARG B 151 -3.64 5.46 4.54
C ARG B 151 -4.06 5.23 3.07
N ILE B 152 -4.32 3.98 2.71
CA ILE B 152 -4.87 3.60 1.38
C ILE B 152 -6.39 3.55 1.48
N LEU B 153 -7.07 4.14 0.49
CA LEU B 153 -8.54 4.29 0.41
C LEU B 153 -9.12 3.36 -0.67
N VAL B 154 -10.33 2.90 -0.44
CA VAL B 154 -11.18 2.13 -1.39
C VAL B 154 -12.56 2.79 -1.39
N ASP B 155 -13.26 2.73 -2.53
CA ASP B 155 -14.66 3.21 -2.62
C ASP B 155 -14.84 4.62 -2.09
N LYS B 156 -15.85 4.80 -1.26
CA LYS B 156 -16.22 6.12 -0.71
C LYS B 156 -15.23 6.53 0.38
N GLN B 157 -13.98 6.74 0.01
CA GLN B 157 -12.88 7.09 0.95
C GLN B 157 -12.90 6.20 2.19
N GLN B 158 -13.11 4.89 2.05
CA GLN B 158 -13.05 3.95 3.19
C GLN B 158 -11.59 3.57 3.46
N THR B 159 -11.23 3.38 4.71
CA THR B 159 -9.87 3.03 5.12
C THR B 159 -9.66 1.54 4.86
N LEU B 160 -8.73 1.18 3.98
CA LEU B 160 -8.43 -0.25 3.72
C LEU B 160 -7.20 -0.67 4.52
N CYS B 161 -6.10 0.07 4.41
CA CYS B 161 -4.87 -0.27 5.17
C CYS B 161 -4.06 0.98 5.42
N GLU B 162 -3.19 0.92 6.44
CA GLU B 162 -2.36 2.06 6.91
C GLU B 162 -0.91 1.55 7.00
N PHE B 163 0.05 2.32 6.47
CA PHE B 163 1.51 2.10 6.61
C PHE B 163 2.10 3.17 7.55
N PHE B 164 2.94 2.75 8.48
CA PHE B 164 3.53 3.59 9.55
C PHE B 164 5.06 3.57 9.39
N TYR B 165 5.66 4.75 9.27
CA TYR B 165 7.10 4.92 8.92
C TYR B 165 7.88 5.34 10.16
N ASN B 166 9.16 4.98 10.22
CA ASN B 166 10.14 5.72 11.05
C ASN B 166 10.41 7.03 10.32
N PRO B 167 11.16 7.99 10.93
CA PRO B 167 11.42 9.29 10.28
C PRO B 167 12.29 9.23 9.03
N GLU B 168 12.93 8.08 8.73
CA GLU B 168 13.72 7.88 7.48
C GLU B 168 12.81 7.40 6.34
N GLY B 169 11.59 6.94 6.63
CA GLY B 169 10.63 6.48 5.61
C GLY B 169 10.60 4.96 5.46
N ASP B 170 11.30 4.21 6.31
CA ASP B 170 11.17 2.73 6.42
C ASP B 170 9.81 2.40 7.06
N THR B 171 9.10 1.44 6.48
CA THR B 171 7.80 0.89 6.97
C THR B 171 8.06 0.09 8.24
N LYS B 172 7.33 0.39 9.33
CA LYS B 172 7.50 -0.30 10.64
C LYS B 172 6.21 -1.00 11.08
N LEU B 173 5.04 -0.53 10.65
CA LEU B 173 3.75 -1.22 10.94
C LEU B 173 2.86 -1.16 9.71
N GLU B 174 2.08 -2.21 9.54
CA GLU B 174 0.98 -2.31 8.55
C GLU B 174 -0.27 -2.70 9.35
N LYS B 175 -1.38 -2.03 9.07
CA LYS B 175 -2.71 -2.36 9.62
C LYS B 175 -3.66 -2.59 8.45
N TYR B 176 -4.41 -3.68 8.47
CA TYR B 176 -5.45 -4.03 7.46
C TYR B 176 -6.79 -3.92 8.17
N PHE B 177 -7.81 -3.34 7.51
CA PHE B 177 -9.11 -2.99 8.12
C PHE B 177 -10.23 -3.60 7.31
N SER B 178 -11.36 -3.90 7.95
CA SER B 178 -12.67 -4.23 7.31
C SER B 178 -13.76 -3.38 7.94
N TYR B 179 -14.81 -3.05 7.18
CA TYR B 179 -15.94 -2.28 7.75
C TYR B 179 -16.92 -3.27 8.41
N LYS B 180 -17.38 -2.92 9.61
CA LYS B 180 -18.43 -3.64 10.40
C LYS B 180 -19.40 -2.58 10.92
N ASP B 181 -20.65 -2.56 10.41
CA ASP B 181 -21.68 -1.55 10.78
C ASP B 181 -21.14 -0.13 10.52
N GLY B 182 -20.56 0.08 9.33
CA GLY B 182 -20.13 1.40 8.81
C GLY B 182 -18.89 1.98 9.48
N LYS B 183 -18.15 1.24 10.31
CA LYS B 183 -16.87 1.76 10.90
C LYS B 183 -15.73 0.79 10.59
N PRO B 184 -14.50 1.33 10.37
CA PRO B 184 -13.33 0.52 10.07
C PRO B 184 -12.80 -0.23 11.30
N GLU B 185 -12.58 -1.54 11.20
CA GLU B 185 -12.03 -2.33 12.34
C GLU B 185 -10.76 -3.05 11.89
N VAL B 186 -9.74 -2.99 12.75
CA VAL B 186 -8.44 -3.71 12.56
C VAL B 186 -8.72 -5.21 12.52
N GLN B 187 -8.17 -5.90 11.51
CA GLN B 187 -8.29 -7.36 11.29
C GLN B 187 -6.90 -7.97 11.33
N LYS B 188 -5.87 -7.15 11.16
CA LYS B 188 -4.46 -7.61 11.06
C LYS B 188 -3.49 -6.44 11.29
N ILE B 189 -2.41 -6.71 12.02
CA ILE B 189 -1.29 -5.75 12.20
C ILE B 189 -0.03 -6.54 11.94
N ILE B 190 0.92 -5.91 11.24
CA ILE B 190 2.28 -6.42 10.99
C ILE B 190 3.22 -5.37 11.55
N VAL B 191 4.19 -5.79 12.34
CA VAL B 191 5.21 -4.91 12.96
C VAL B 191 6.59 -5.45 12.59
N TYR B 192 7.48 -4.60 12.13
CA TYR B 192 8.86 -5.02 11.82
C TYR B 192 9.71 -4.49 12.97
N TYR B 193 10.17 -5.36 13.85
CA TYR B 193 10.85 -4.98 15.11
C TYR B 193 11.95 -6.01 15.39
N ALA B 194 13.10 -5.56 15.88
CA ALA B 194 14.24 -6.42 16.26
C ALA B 194 14.56 -7.40 15.13
N ASN B 195 14.67 -6.92 13.90
CA ASN B 195 15.00 -7.73 12.70
C ASN B 195 13.97 -8.83 12.48
N LYS B 196 12.83 -8.77 13.14
CA LYS B 196 11.82 -9.82 12.94
C LYS B 196 10.51 -9.20 12.46
N GLN B 197 9.56 -10.05 12.13
CA GLN B 197 8.24 -9.60 11.67
C GLN B 197 7.22 -10.23 12.63
N TYR B 198 6.32 -9.42 13.17
CA TYR B 198 5.32 -9.93 14.14
C TYR B 198 3.91 -9.72 13.59
N PHE B 199 3.03 -10.66 13.91
CA PHE B 199 1.62 -10.66 13.45
C PHE B 199 0.67 -10.59 14.65
N PHE B 200 -0.32 -9.70 14.55
CA PHE B 200 -1.34 -9.48 15.60
C PHE B 200 -2.69 -9.40 14.88
N ASN B 201 -3.78 -9.77 15.57
CA ASN B 201 -5.16 -9.64 15.06
C ASN B 201 -5.79 -8.28 15.38
N ASN B 202 -5.26 -7.49 16.32
CA ASN B 202 -5.95 -6.27 16.83
C ASN B 202 -5.00 -5.46 17.73
N GLU B 203 -5.41 -4.27 18.17
CA GLU B 203 -4.54 -3.30 18.91
C GLU B 203 -4.33 -3.80 20.34
N THR B 204 -5.26 -4.58 20.87
CA THR B 204 -5.10 -5.21 22.21
C THR B 204 -3.84 -6.09 22.19
N GLU B 205 -3.70 -6.95 21.19
CA GLU B 205 -2.59 -7.96 21.15
C GLU B 205 -1.27 -7.22 20.96
N LEU B 206 -1.27 -6.15 20.16
CA LEU B 206 -0.10 -5.26 19.99
C LEU B 206 0.26 -4.55 21.31
N GLY B 207 -0.74 -3.93 21.95
CA GLY B 207 -0.60 -3.41 23.33
C GLY B 207 0.12 -4.39 24.26
N ALA B 208 -0.42 -5.61 24.39
CA ALA B 208 0.12 -6.67 25.27
C ALA B 208 1.60 -6.86 24.93
N PHE B 209 1.91 -6.92 23.64
CA PHE B 209 3.29 -7.16 23.16
C PHE B 209 4.19 -6.01 23.57
N PHE B 210 3.73 -4.77 23.36
CA PHE B 210 4.41 -3.51 23.78
C PHE B 210 4.67 -3.55 25.29
N ILE B 211 3.65 -3.77 26.12
CA ILE B 211 3.84 -3.84 27.59
C ILE B 211 4.98 -4.81 27.91
N LYS B 212 5.03 -5.98 27.27
CA LYS B 212 6.07 -7.01 27.56
C LYS B 212 7.48 -6.55 27.13
N GLN B 213 7.63 -5.59 26.22
CA GLN B 213 8.96 -5.07 25.78
C GLN B 213 9.48 -4.00 26.76
N LEU B 214 8.57 -3.24 27.36
CA LEU B 214 8.83 -2.18 28.37
C LEU B 214 9.29 -2.78 29.70
N TYR B 215 8.71 -3.91 30.09
CA TYR B 215 8.74 -4.41 31.48
C TYR B 215 10.14 -4.95 31.83
N GLN B 216 10.71 -4.44 32.90
CA GLN B 216 11.90 -4.98 33.60
C GLN B 216 11.44 -5.40 35.00
N HIS B 217 11.97 -6.50 35.55
CA HIS B 217 11.72 -6.98 36.94
C HIS B 217 11.72 -5.74 37.84
N GLY B 218 10.66 -5.53 38.63
CA GLY B 218 10.57 -4.41 39.59
C GLY B 218 9.64 -3.29 39.13
N ASP B 219 9.39 -3.15 37.82
CA ASP B 219 8.51 -2.07 37.27
C ASP B 219 7.05 -2.27 37.77
N LEU B 220 6.26 -1.20 37.77
CA LEU B 220 4.85 -1.21 38.26
C LEU B 220 3.96 -0.48 37.26
N PHE B 221 2.87 -1.12 36.82
CA PHE B 221 1.88 -0.54 35.87
C PHE B 221 0.64 -0.07 36.62
N PHE B 222 0.15 1.11 36.21
CA PHE B 222 -1.19 1.66 36.53
C PHE B 222 -2.02 1.71 35.24
N SER B 223 -3.19 1.08 35.29
CA SER B 223 -4.16 0.93 34.19
C SER B 223 -5.19 2.05 34.32
N ASP B 224 -5.05 3.12 33.56
CA ASP B 224 -5.83 4.39 33.73
C ASP B 224 -6.94 4.55 32.69
N ARG B 225 -6.89 3.94 31.51
CA ARG B 225 -8.04 3.95 30.57
C ARG B 225 -8.52 2.52 30.36
N ASN B 226 -9.34 2.04 31.28
CA ASN B 226 -9.55 0.58 31.51
C ASN B 226 -10.22 -0.06 30.29
N VAL B 227 -11.01 0.68 29.52
CA VAL B 227 -11.72 0.11 28.32
C VAL B 227 -10.72 -0.44 27.29
N TYR B 228 -9.48 0.11 27.24
CA TYR B 228 -8.36 -0.35 26.39
C TYR B 228 -7.28 -1.05 27.22
N THR B 229 -7.00 -0.57 28.43
CA THR B 229 -5.82 -1.03 29.21
C THR B 229 -6.08 -2.39 29.85
N ALA B 230 -7.26 -2.62 30.42
CA ALA B 230 -7.56 -3.91 31.07
C ALA B 230 -7.51 -5.06 30.06
N PRO B 231 -8.14 -4.99 28.87
CA PRO B 231 -8.01 -6.08 27.91
C PRO B 231 -6.54 -6.36 27.56
N ILE B 232 -5.68 -5.34 27.54
CA ILE B 232 -4.23 -5.50 27.25
C ILE B 232 -3.56 -6.29 28.39
N PHE B 233 -3.80 -5.85 29.63
CA PHE B 233 -3.19 -6.44 30.84
C PHE B 233 -3.73 -7.86 31.02
N ASN B 234 -4.96 -8.16 30.61
CA ASN B 234 -5.54 -9.54 30.60
C ASN B 234 -4.74 -10.49 29.70
N LEU B 235 -3.97 -10.01 28.72
CA LEU B 235 -3.13 -10.88 27.85
C LEU B 235 -1.67 -10.84 28.28
N THR B 236 -1.31 -10.21 29.40
CA THR B 236 0.09 -10.22 29.88
C THR B 236 0.20 -11.12 31.09
N PRO B 237 1.33 -11.85 31.26
CA PRO B 237 1.54 -12.72 32.41
C PRO B 237 1.38 -12.03 33.77
N GLU B 238 0.78 -12.76 34.74
CA GLU B 238 0.43 -12.29 36.11
C GLU B 238 1.70 -11.79 36.82
N SER B 239 2.90 -12.14 36.34
CA SER B 239 4.20 -11.75 36.96
C SER B 239 4.50 -10.26 36.69
N ILE B 240 3.73 -9.61 35.83
CA ILE B 240 3.80 -8.13 35.62
C ILE B 240 2.70 -7.56 36.51
N PRO B 241 3.08 -6.79 37.56
CA PRO B 241 2.12 -6.25 38.51
C PRO B 241 1.47 -5.03 37.86
N VAL B 242 0.16 -4.94 38.03
CA VAL B 242 -0.62 -3.79 37.54
C VAL B 242 -1.70 -3.46 38.56
N VAL B 243 -2.00 -2.17 38.65
CA VAL B 243 -3.06 -1.61 39.53
C VAL B 243 -4.12 -0.98 38.63
N ALA B 244 -5.38 -1.22 38.95
CA ALA B 244 -6.51 -0.64 38.21
C ALA B 244 -6.92 0.66 38.90
N VAL B 245 -7.00 1.74 38.15
CA VAL B 245 -7.48 3.07 38.63
C VAL B 245 -8.83 3.35 37.96
N LEU B 246 -9.87 3.50 38.76
CA LEU B 246 -11.22 3.90 38.31
C LEU B 246 -11.32 5.42 38.40
N HIS B 247 -11.87 6.05 37.37
CA HIS B 247 -11.90 7.51 37.25
C HIS B 247 -13.33 8.01 37.40
N SER B 248 -14.30 7.12 37.32
CA SER B 248 -15.68 7.58 37.53
C SER B 248 -16.49 6.50 38.22
N THR B 249 -17.79 6.72 38.25
CA THR B 249 -18.77 5.73 38.76
C THR B 249 -18.54 4.41 38.02
N HIS B 250 -18.65 3.35 38.74
CA HIS B 250 -18.27 2.01 38.23
C HIS B 250 -19.44 1.20 37.68
N ILE B 251 -20.65 1.57 38.04
CA ILE B 251 -21.89 0.84 37.63
C ILE B 251 -22.80 1.79 36.85
N LYS B 252 -23.67 1.22 36.00
CA LYS B 252 -24.48 1.96 35.00
C LYS B 252 -25.56 2.75 35.74
N ASN B 253 -26.30 2.11 36.64
CA ASN B 253 -27.24 2.81 37.55
C ASN B 253 -26.63 2.80 38.96
N ILE B 254 -26.12 3.95 39.36
CA ILE B 254 -25.42 4.18 40.66
C ILE B 254 -26.39 3.94 41.83
N ASP B 255 -27.70 3.89 41.55
CA ASP B 255 -28.77 3.76 42.59
C ASP B 255 -28.89 2.30 43.03
N ALA B 256 -28.60 1.34 42.13
CA ALA B 256 -28.58 -0.12 42.39
C ALA B 256 -27.14 -0.60 42.62
N LEU B 257 -26.56 -0.28 43.77
CA LEU B 257 -25.14 -0.60 44.11
C LEU B 257 -24.90 -2.10 43.94
N ASP B 258 -25.88 -2.92 44.36
CA ASP B 258 -25.78 -4.39 44.47
C ASP B 258 -26.01 -5.04 43.10
N SER B 259 -26.97 -4.56 42.30
CA SER B 259 -27.57 -5.32 41.16
C SER B 259 -27.20 -4.71 39.80
N SER B 260 -26.97 -3.40 39.71
CA SER B 260 -26.65 -2.71 38.43
C SER B 260 -25.39 -3.31 37.81
N PRO B 261 -25.36 -3.54 36.49
CA PRO B 261 -24.15 -4.08 35.86
C PRO B 261 -23.02 -3.06 35.89
N PHE B 262 -21.78 -3.52 35.76
CA PHE B 262 -20.58 -2.66 35.64
C PHE B 262 -20.66 -1.89 34.31
N LYS B 263 -20.19 -0.65 34.29
CA LYS B 263 -20.11 0.16 33.05
C LYS B 263 -19.30 -0.64 32.03
N ASN B 264 -19.57 -0.43 30.74
CA ASN B 264 -18.90 -1.20 29.64
C ASN B 264 -17.39 -0.96 29.72
N VAL B 265 -17.01 0.25 30.10
CA VAL B 265 -15.59 0.73 30.12
C VAL B 265 -14.82 -0.02 31.22
N TYR B 266 -15.49 -0.59 32.23
CA TYR B 266 -14.82 -1.29 33.36
C TYR B 266 -15.08 -2.81 33.39
N LYS B 267 -15.89 -3.36 32.47
CA LYS B 267 -16.30 -4.80 32.46
C LYS B 267 -15.07 -5.71 32.43
N ALA B 268 -14.14 -5.49 31.50
CA ALA B 268 -12.99 -6.40 31.27
C ALA B 268 -12.12 -6.43 32.54
N MET B 269 -12.05 -5.30 33.24
CA MET B 269 -11.30 -5.15 34.52
C MET B 269 -12.01 -6.03 35.58
N PHE B 270 -13.32 -5.82 35.78
CA PHE B 270 -14.08 -6.46 36.88
C PHE B 270 -14.28 -7.96 36.60
N GLU B 271 -14.17 -8.38 35.34
CA GLU B 271 -14.35 -9.82 34.94
C GLU B 271 -13.05 -10.60 35.13
N ASN B 272 -11.96 -9.94 35.50
CA ASN B 272 -10.62 -10.55 35.69
C ASN B 272 -9.90 -9.90 36.89
N LEU B 273 -10.58 -9.60 37.98
CA LEU B 273 -10.07 -8.83 39.15
C LEU B 273 -8.73 -9.38 39.67
N SER B 274 -8.58 -10.69 39.77
CA SER B 274 -7.41 -11.32 40.45
C SER B 274 -6.11 -11.01 39.70
N ARG B 275 -6.21 -10.51 38.47
CA ARG B 275 -5.06 -10.04 37.65
C ARG B 275 -4.39 -8.82 38.30
N TYR B 276 -5.16 -8.00 39.02
CA TYR B 276 -4.80 -6.64 39.52
C TYR B 276 -4.38 -6.75 41.01
N ARG B 277 -3.30 -6.07 41.39
CA ARG B 277 -2.79 -5.96 42.78
C ARG B 277 -3.80 -5.18 43.63
N ALA B 278 -4.54 -4.25 43.05
CA ALA B 278 -5.47 -3.38 43.79
C ALA B 278 -6.32 -2.55 42.83
N ILE B 279 -7.39 -1.97 43.36
CA ILE B 279 -8.15 -0.87 42.71
C ILE B 279 -7.89 0.40 43.50
N ILE B 280 -7.50 1.47 42.82
CA ILE B 280 -7.49 2.86 43.37
C ILE B 280 -8.71 3.61 42.83
N VAL B 281 -9.49 4.24 43.72
CA VAL B 281 -10.60 5.16 43.35
C VAL B 281 -10.31 6.46 44.10
N SER B 282 -11.00 7.55 43.77
CA SER B 282 -10.68 8.89 44.30
C SER B 282 -11.28 9.07 45.69
N THR B 283 -12.46 8.51 45.99
CA THR B 283 -13.25 8.88 47.18
C THR B 283 -13.47 7.72 48.16
N GLU B 284 -13.59 8.06 49.44
CA GLU B 284 -14.01 7.17 50.55
C GLU B 284 -15.22 6.35 50.12
N GLN B 285 -16.31 7.00 49.71
CA GLN B 285 -17.60 6.32 49.48
C GLN B 285 -17.43 5.32 48.33
N GLN B 286 -16.72 5.68 47.26
CA GLN B 286 -16.52 4.73 46.15
C GLN B 286 -15.68 3.54 46.66
N LYS B 287 -14.72 3.76 47.56
CA LYS B 287 -13.93 2.67 48.19
C LYS B 287 -14.86 1.67 48.91
N LEU B 288 -15.74 2.16 49.78
CA LEU B 288 -16.73 1.32 50.52
C LEU B 288 -17.67 0.61 49.56
N ASP B 289 -18.17 1.30 48.51
CA ASP B 289 -19.16 0.73 47.56
C ASP B 289 -18.48 -0.37 46.72
N VAL B 290 -17.28 -0.12 46.23
CA VAL B 290 -16.59 -1.08 45.31
C VAL B 290 -16.14 -2.30 46.11
N GLU B 291 -15.55 -2.12 47.30
CA GLU B 291 -15.09 -3.28 48.13
C GLU B 291 -16.28 -4.20 48.47
N LYS B 292 -17.46 -3.68 48.83
CA LYS B 292 -18.65 -4.52 49.14
C LYS B 292 -19.04 -5.33 47.89
N ARG B 293 -19.08 -4.66 46.73
CA ARG B 293 -19.58 -5.18 45.44
C ARG B 293 -18.65 -6.26 44.89
N ILE B 294 -17.34 -6.21 45.10
CA ILE B 294 -16.38 -7.25 44.62
C ILE B 294 -16.07 -8.28 45.71
N ASN B 295 -16.78 -8.23 46.85
CA ASN B 295 -16.63 -9.17 48.01
C ASN B 295 -15.18 -9.24 48.46
N HIS B 296 -14.50 -8.10 48.50
CA HIS B 296 -13.13 -7.94 49.04
C HIS B 296 -12.13 -8.85 48.30
N THR B 297 -12.38 -9.22 47.02
CA THR B 297 -11.49 -10.15 46.28
C THR B 297 -10.06 -9.63 46.22
N ILE B 298 -9.88 -8.32 46.06
CA ILE B 298 -8.55 -7.63 46.10
C ILE B 298 -8.71 -6.31 46.85
N PRO B 299 -7.59 -5.69 47.25
CA PRO B 299 -7.62 -4.45 48.02
C PRO B 299 -8.20 -3.29 47.21
N VAL B 300 -8.93 -2.42 47.90
CA VAL B 300 -9.45 -1.15 47.35
C VAL B 300 -9.07 0.00 48.29
N VAL B 301 -8.68 1.11 47.68
CA VAL B 301 -7.93 2.16 48.41
C VAL B 301 -8.29 3.49 47.75
N ASN B 302 -8.50 4.55 48.53
CA ASN B 302 -8.85 5.87 47.97
C ASN B 302 -7.64 6.79 48.04
N ILE B 303 -7.23 7.27 46.87
CA ILE B 303 -6.26 8.39 46.69
C ILE B 303 -6.93 9.37 45.74
N PRO B 304 -7.22 10.62 46.18
CA PRO B 304 -7.74 11.67 45.31
C PRO B 304 -6.89 11.90 44.05
N VAL B 305 -7.53 12.05 42.89
CA VAL B 305 -6.80 12.30 41.62
C VAL B 305 -6.30 13.74 41.58
N GLY B 306 -6.81 14.61 42.45
CA GLY B 306 -6.46 16.04 42.47
C GLY B 306 -5.82 16.47 43.79
N TYR B 307 -5.01 17.53 43.74
CA TYR B 307 -4.36 18.11 44.94
C TYR B 307 -4.32 19.63 44.82
N SER B 308 -4.10 20.32 45.92
CA SER B 308 -3.93 21.79 45.96
C SER B 308 -2.48 22.15 46.26
N GLU B 309 -1.97 23.16 45.57
CA GLU B 309 -0.72 23.91 45.88
C GLU B 309 -1.12 25.27 46.42
N THR B 310 -0.15 26.05 46.88
CA THR B 310 -0.41 27.47 47.22
C THR B 310 -0.37 28.24 45.89
N ILE B 311 -1.25 29.23 45.77
CA ILE B 311 -1.57 29.91 44.49
C ILE B 311 -0.70 31.18 44.42
N ASP B 312 0.01 31.37 43.31
CA ASP B 312 0.84 32.59 43.09
C ASP B 312 0.14 33.52 42.07
N THR B 313 -1.20 33.47 41.95
CA THR B 313 -2.05 34.44 41.19
C THR B 313 -2.99 35.13 42.17
N PRO B 314 -3.58 36.31 41.82
CA PRO B 314 -4.55 36.94 42.71
C PRO B 314 -5.71 35.99 43.04
N VAL B 315 -6.24 36.09 44.26
CA VAL B 315 -7.36 35.27 44.78
C VAL B 315 -8.44 36.20 45.30
N GLN B 316 -9.68 36.06 44.81
CA GLN B 316 -10.89 36.84 45.24
C GLN B 316 -10.67 38.37 45.14
N THR B 317 -10.14 38.86 44.01
CA THR B 317 -10.21 40.29 43.59
C THR B 317 -11.52 40.48 42.81
N LEU B 318 -12.65 40.62 43.50
CA LEU B 318 -14.01 40.73 42.88
C LEU B 318 -14.29 42.16 42.37
N ASP B 319 -14.95 42.21 41.22
CA ASP B 319 -15.51 43.47 40.66
C ASP B 319 -16.75 43.70 41.53
N GLN B 320 -16.86 44.84 42.18
CA GLN B 320 -18.04 45.09 43.04
C GLN B 320 -19.35 45.19 42.26
N ARG B 321 -19.33 45.82 41.08
CA ARG B 321 -20.56 46.09 40.29
C ARG B 321 -21.14 44.85 39.58
N SER B 322 -20.32 43.95 39.07
CA SER B 322 -20.79 42.73 38.34
C SER B 322 -20.45 41.46 39.14
N VAL B 323 -21.28 40.42 39.06
CA VAL B 323 -21.00 39.08 39.67
C VAL B 323 -20.70 38.10 38.54
N LYS B 324 -19.68 37.28 38.75
CA LYS B 324 -19.15 36.31 37.77
C LYS B 324 -19.34 34.88 38.31
N LEU B 325 -20.27 34.13 37.73
CA LEU B 325 -20.43 32.68 37.98
C LEU B 325 -19.56 31.93 36.96
N ILE B 326 -19.02 30.77 37.34
CA ILE B 326 -18.16 29.96 36.44
C ILE B 326 -18.64 28.53 36.48
N SER B 327 -18.46 27.85 35.35
CA SER B 327 -18.63 26.40 35.21
C SER B 327 -17.38 25.89 34.47
N VAL B 328 -16.67 24.97 35.09
CA VAL B 328 -15.51 24.32 34.45
C VAL B 328 -15.93 22.88 34.21
N ALA B 329 -16.35 22.57 32.99
CA ALA B 329 -17.04 21.31 32.64
C ALA B 329 -17.08 21.17 31.13
N ARG B 330 -16.91 19.92 30.68
CA ARG B 330 -17.06 19.52 29.26
C ARG B 330 -18.46 19.94 28.78
N TYR B 331 -18.55 20.39 27.53
CA TYR B 331 -19.82 20.67 26.82
C TYR B 331 -20.39 19.29 26.43
N SER B 332 -20.79 18.50 27.42
CA SER B 332 -21.33 17.12 27.22
C SER B 332 -22.53 16.89 28.13
N PRO B 333 -23.49 16.03 27.71
CA PRO B 333 -24.81 15.97 28.35
C PRO B 333 -24.84 15.71 29.86
N GLU B 334 -23.96 14.86 30.41
CA GLU B 334 -24.03 14.50 31.85
C GLU B 334 -23.63 15.69 32.71
N LYS B 335 -23.03 16.74 32.13
CA LYS B 335 -22.76 18.01 32.83
C LYS B 335 -24.05 18.85 32.90
N GLN B 336 -24.98 18.65 31.97
CA GLN B 336 -26.34 19.27 31.98
C GLN B 336 -26.17 20.79 32.02
N LEU B 337 -25.30 21.35 31.19
CA LEU B 337 -24.96 22.79 31.24
C LEU B 337 -26.21 23.61 30.90
N HIS B 338 -27.10 23.08 30.06
CA HIS B 338 -28.43 23.67 29.76
C HIS B 338 -29.10 24.16 31.05
N GLN B 339 -28.97 23.44 32.16
CA GLN B 339 -29.66 23.82 33.42
C GLN B 339 -29.10 25.15 33.91
N GLN B 340 -27.82 25.44 33.65
CA GLN B 340 -27.14 26.64 34.17
C GLN B 340 -27.54 27.86 33.34
N ILE B 341 -27.77 27.66 32.04
CA ILE B 341 -28.28 28.71 31.11
C ILE B 341 -29.70 29.06 31.58
N GLU B 342 -30.50 28.03 31.92
CA GLU B 342 -31.87 28.17 32.49
C GLU B 342 -31.80 28.93 33.80
N LEU B 343 -30.88 28.58 34.70
CA LEU B 343 -30.68 29.32 35.97
C LEU B 343 -30.42 30.80 35.69
N ILE B 344 -29.53 31.10 34.73
CA ILE B 344 -29.14 32.50 34.37
C ILE B 344 -30.37 33.24 33.81
N LYS B 345 -31.15 32.58 32.95
CA LYS B 345 -32.37 33.16 32.34
C LYS B 345 -33.25 33.73 33.46
N ARG B 346 -33.34 33.03 34.59
CA ARG B 346 -34.17 33.41 35.75
C ARG B 346 -33.47 34.51 36.53
N LEU B 347 -32.16 34.38 36.76
CA LEU B 347 -31.35 35.27 37.64
C LEU B 347 -31.21 36.69 37.06
N VAL B 348 -31.24 36.89 35.72
CA VAL B 348 -31.03 38.25 35.09
C VAL B 348 -32.14 39.21 35.52
N SER B 349 -33.34 38.69 35.82
CA SER B 349 -34.51 39.41 36.40
C SER B 349 -34.14 40.10 37.71
N TYR B 350 -33.21 39.53 38.48
CA TYR B 350 -32.88 40.06 39.82
C TYR B 350 -31.47 40.64 39.86
N VAL B 351 -30.58 40.09 39.04
CA VAL B 351 -29.18 40.57 38.99
C VAL B 351 -28.91 40.98 37.55
N PRO B 352 -29.02 42.25 37.17
CA PRO B 352 -28.83 42.64 35.79
C PRO B 352 -27.37 42.66 35.37
N LYS B 353 -26.45 42.51 36.31
CA LYS B 353 -25.01 42.52 35.93
C LYS B 353 -24.40 41.13 36.03
N ILE B 354 -25.20 40.07 35.97
CA ILE B 354 -24.69 38.69 36.19
C ILE B 354 -24.05 38.17 34.89
N GLU B 355 -22.94 37.44 35.01
CA GLU B 355 -22.29 36.72 33.87
C GLU B 355 -22.00 35.27 34.30
N LEU B 356 -22.22 34.30 33.42
CA LEU B 356 -21.79 32.89 33.59
C LEU B 356 -20.72 32.58 32.55
N HIS B 357 -19.51 32.22 32.99
CA HIS B 357 -18.36 31.84 32.14
C HIS B 357 -18.19 30.33 32.19
N MET B 358 -18.49 29.66 31.07
CA MET B 358 -18.48 28.19 30.88
C MET B 358 -17.20 27.81 30.13
N TYR B 359 -16.22 27.30 30.86
CA TYR B 359 -14.93 26.84 30.30
C TYR B 359 -15.02 25.35 30.01
N GLY B 360 -14.81 24.97 28.75
CA GLY B 360 -14.75 23.56 28.32
C GLY B 360 -14.72 23.40 26.80
N PHE B 361 -15.11 22.21 26.33
CA PHE B 361 -15.17 21.80 24.92
C PHE B 361 -16.15 20.63 24.85
N GLY B 362 -16.63 20.31 23.65
CA GLY B 362 -17.35 19.07 23.41
C GLY B 362 -18.46 19.23 22.40
N SER B 363 -19.31 18.20 22.34
CA SER B 363 -20.35 17.96 21.30
C SER B 363 -21.52 18.94 21.50
N GLU B 364 -21.91 19.22 22.76
CA GLU B 364 -23.07 20.09 23.07
C GLU B 364 -22.81 21.57 22.74
N SER B 365 -21.63 21.89 22.24
CA SER B 365 -21.24 23.30 21.94
C SER B 365 -22.31 24.06 21.16
N LYS B 366 -22.75 23.51 20.02
CA LYS B 366 -23.75 24.14 19.12
C LYS B 366 -25.12 24.28 19.79
N LYS B 367 -25.58 23.24 20.46
CA LYS B 367 -26.93 23.19 21.08
C LYS B 367 -27.02 24.19 22.22
N LEU B 368 -25.92 24.42 22.90
CA LEU B 368 -25.82 25.35 24.07
C LEU B 368 -25.78 26.81 23.58
N ASN B 369 -24.98 27.08 22.55
CA ASN B 369 -24.90 28.38 21.82
C ASN B 369 -26.29 28.76 21.29
N GLU B 370 -27.03 27.79 20.73
CA GLU B 370 -28.37 27.99 20.13
C GLU B 370 -29.37 28.28 21.25
N LEU B 371 -29.17 27.69 22.43
CA LEU B 371 -30.02 27.93 23.62
C LEU B 371 -29.78 29.35 24.15
N ILE B 372 -28.52 29.77 24.23
CA ILE B 372 -28.12 31.14 24.69
C ILE B 372 -28.74 32.15 23.73
N GLN B 373 -28.61 31.88 22.42
CA GLN B 373 -29.07 32.78 21.32
C GLN B 373 -30.60 32.88 21.37
N LYS B 374 -31.31 31.77 21.58
CA LYS B 374 -32.80 31.75 21.67
C LYS B 374 -33.30 32.52 22.91
N TYR B 375 -32.50 32.75 23.95
CA TYR B 375 -32.93 33.48 25.17
C TYR B 375 -32.38 34.92 25.23
N GLY B 376 -31.66 35.34 24.19
CA GLY B 376 -30.99 36.66 24.14
C GLY B 376 -29.98 36.87 25.27
N LEU B 377 -29.32 35.81 25.76
CA LEU B 377 -28.36 35.87 26.90
C LEU B 377 -26.91 36.11 26.41
N GLU B 378 -26.70 36.54 25.17
CA GLU B 378 -25.33 36.58 24.56
C GLU B 378 -24.39 37.47 25.39
N ASN B 379 -24.94 38.37 26.21
CA ASN B 379 -24.14 39.36 26.98
C ASN B 379 -23.98 38.93 28.46
N HIS B 380 -24.60 37.81 28.84
CA HIS B 380 -24.62 37.27 30.22
C HIS B 380 -24.01 35.85 30.30
N VAL B 381 -24.03 35.08 29.20
CA VAL B 381 -23.53 33.68 29.16
C VAL B 381 -22.53 33.54 28.01
N TYR B 382 -21.31 33.16 28.34
CA TYR B 382 -20.17 33.01 27.41
C TYR B 382 -19.69 31.57 27.46
N LEU B 383 -19.70 30.86 26.33
CA LEU B 383 -18.87 29.64 26.15
C LEU B 383 -17.47 30.12 25.79
N ARG B 384 -16.54 30.09 26.75
CA ARG B 384 -15.19 30.67 26.60
C ARG B 384 -14.28 29.68 25.88
N GLY B 385 -14.75 28.47 25.58
CA GLY B 385 -13.90 27.37 25.10
C GLY B 385 -12.95 26.88 26.18
N PHE B 386 -11.90 26.16 25.77
CA PHE B 386 -10.94 25.51 26.70
C PHE B 386 -9.73 26.42 26.88
N LEU B 387 -9.40 26.86 28.11
CA LEU B 387 -8.12 27.57 28.37
C LEU B 387 -7.17 26.60 29.09
N SER B 388 -5.91 26.55 28.70
CA SER B 388 -4.95 25.58 29.27
C SER B 388 -4.58 26.00 30.71
N ASN B 389 -4.65 27.31 31.01
CA ASN B 389 -4.40 27.85 32.37
C ASN B 389 -5.60 28.69 32.78
N LEU B 390 -6.33 28.29 33.82
CA LEU B 390 -7.58 28.95 34.29
C LEU B 390 -7.25 29.90 35.44
N ASP B 391 -5.96 30.01 35.80
CA ASP B 391 -5.55 30.68 37.07
C ASP B 391 -6.21 32.07 37.14
N GLN B 392 -6.16 32.86 36.06
CA GLN B 392 -6.61 34.28 36.08
C GLN B 392 -8.14 34.36 36.04
N GLU B 393 -8.80 33.35 35.48
CA GLU B 393 -10.29 33.26 35.44
C GLU B 393 -10.89 33.06 36.83
N TYR B 394 -10.19 32.38 37.74
CA TYR B 394 -10.69 32.10 39.12
C TYR B 394 -10.65 33.39 39.95
N SER B 395 -9.70 34.28 39.65
CA SER B 395 -9.36 35.48 40.46
C SER B 395 -10.61 36.28 40.82
N ASP B 396 -11.51 36.53 39.86
CA ASP B 396 -12.73 37.38 40.06
C ASP B 396 -13.99 36.53 40.10
N ALA B 397 -13.89 35.21 40.28
CA ALA B 397 -15.07 34.32 40.26
C ALA B 397 -15.72 34.34 41.64
N TYR B 398 -17.04 34.45 41.68
CA TYR B 398 -17.87 34.56 42.91
C TYR B 398 -18.29 33.16 43.41
N LEU B 399 -18.66 32.27 42.48
CA LEU B 399 -19.22 30.92 42.73
C LEU B 399 -18.87 30.03 41.55
N SER B 400 -18.71 28.73 41.79
CA SER B 400 -18.65 27.66 40.75
C SER B 400 -19.97 26.88 40.81
N LEU B 401 -20.49 26.47 39.67
CA LEU B 401 -21.69 25.62 39.61
C LEU B 401 -21.30 24.24 39.11
N ILE B 402 -21.87 23.18 39.71
CA ILE B 402 -21.83 21.81 39.13
C ILE B 402 -23.27 21.28 39.12
N THR B 403 -23.74 20.89 37.94
CA THR B 403 -25.10 20.37 37.67
C THR B 403 -24.98 18.99 37.01
N SER B 404 -23.84 18.34 37.24
CA SER B 404 -23.52 16.99 36.72
C SER B 404 -24.35 15.92 37.45
N ASN B 405 -24.67 14.82 36.79
CA ASN B 405 -25.37 13.69 37.46
C ASN B 405 -24.40 12.55 37.84
N MET B 406 -23.11 12.58 37.46
CA MET B 406 -22.11 11.58 37.91
C MET B 406 -20.69 12.14 37.76
N GLU B 407 -19.86 11.88 38.76
CA GLU B 407 -18.47 12.35 38.84
C GLU B 407 -17.61 11.33 39.56
N GLY B 408 -16.40 11.10 39.08
CA GLY B 408 -15.41 10.28 39.80
C GLY B 408 -14.90 10.99 41.03
N PHE B 409 -14.69 12.29 40.90
CA PHE B 409 -14.13 13.11 42.00
C PHE B 409 -14.45 14.60 41.74
N SER B 410 -14.14 15.04 40.52
CA SER B 410 -14.24 16.42 39.96
C SER B 410 -13.02 17.26 40.35
N LEU B 411 -12.04 17.34 39.47
CA LEU B 411 -10.83 18.16 39.68
C LEU B 411 -11.24 19.64 39.66
N ALA B 412 -12.20 19.99 38.82
CA ALA B 412 -12.68 21.38 38.73
C ALA B 412 -13.20 21.83 40.09
N LEU B 413 -13.91 20.97 40.81
CA LEU B 413 -14.41 21.32 42.15
C LEU B 413 -13.22 21.64 43.07
N LEU B 414 -12.22 20.77 43.17
CA LEU B 414 -11.07 21.04 44.08
C LEU B 414 -10.30 22.28 43.61
N GLU B 415 -10.09 22.46 42.30
CA GLU B 415 -9.40 23.66 41.72
C GLU B 415 -10.13 24.93 42.14
N SER B 416 -11.46 24.90 42.06
CA SER B 416 -12.33 26.03 42.45
C SER B 416 -12.09 26.36 43.94
N LEU B 417 -12.19 25.38 44.85
CA LEU B 417 -11.97 25.60 46.32
C LEU B 417 -10.54 26.14 46.56
N ALA B 418 -9.54 25.54 45.92
CA ALA B 418 -8.11 25.92 46.07
C ALA B 418 -7.89 27.39 45.67
N HIS B 419 -8.65 27.94 44.72
CA HIS B 419 -8.54 29.37 44.28
C HIS B 419 -9.53 30.25 45.04
N GLY B 420 -10.15 29.72 46.09
CA GLY B 420 -11.03 30.49 46.97
C GLY B 420 -12.43 30.65 46.44
N VAL B 421 -12.82 29.85 45.47
CA VAL B 421 -14.17 30.01 44.89
C VAL B 421 -15.09 28.95 45.49
N PRO B 422 -16.14 29.34 46.24
CA PRO B 422 -17.09 28.38 46.76
C PRO B 422 -17.87 27.65 45.67
N VAL B 423 -18.36 26.47 45.98
CA VAL B 423 -19.06 25.69 44.93
C VAL B 423 -20.46 25.32 45.38
N ILE B 424 -21.41 25.41 44.47
CA ILE B 424 -22.78 24.90 44.69
C ILE B 424 -22.92 23.77 43.66
N SER B 425 -23.21 22.58 44.16
CA SER B 425 -23.19 21.33 43.36
C SER B 425 -24.39 20.47 43.72
N TYR B 426 -24.94 19.73 42.77
CA TYR B 426 -25.86 18.62 43.09
C TYR B 426 -25.14 17.62 44.00
N ASP B 427 -25.84 17.08 44.99
CA ASP B 427 -25.25 16.06 45.90
C ASP B 427 -25.29 14.74 45.13
N ILE B 428 -24.22 14.44 44.40
CA ILE B 428 -24.16 13.24 43.53
C ILE B 428 -22.90 12.45 43.85
N LYS B 429 -22.89 11.17 43.47
CA LYS B 429 -21.73 10.29 43.63
C LYS B 429 -20.91 10.38 42.34
N TYR B 430 -19.61 10.49 42.44
CA TYR B 430 -18.89 10.62 43.73
C TYR B 430 -18.02 11.85 43.63
N GLY B 431 -17.68 12.43 44.78
CA GLY B 431 -16.82 13.62 44.80
C GLY B 431 -17.37 14.81 45.56
N PRO B 432 -18.44 15.46 45.09
CA PRO B 432 -18.99 16.65 45.73
C PRO B 432 -19.36 16.46 47.21
N ASN B 433 -19.95 15.31 47.51
CA ASN B 433 -20.41 14.98 48.88
C ASN B 433 -19.25 15.01 49.88
N GLU B 434 -18.05 14.62 49.45
CA GLU B 434 -16.83 14.60 50.29
C GLU B 434 -16.09 15.95 50.19
N LEU B 435 -16.26 16.71 49.11
CA LEU B 435 -15.51 17.99 48.92
C LEU B 435 -16.29 19.18 49.49
N ILE B 436 -17.62 19.11 49.57
CA ILE B 436 -18.45 20.25 50.06
C ILE B 436 -19.14 19.85 51.37
N THR B 437 -18.85 20.59 52.45
CA THR B 437 -19.65 20.68 53.69
C THR B 437 -20.63 21.85 53.54
N SER B 438 -21.93 21.56 53.36
CA SER B 438 -22.99 22.60 53.24
C SER B 438 -22.83 23.67 54.34
N ASP B 439 -22.86 24.94 53.92
CA ASP B 439 -22.74 26.17 54.74
C ASP B 439 -21.29 26.39 55.20
N PHE B 440 -20.31 25.60 54.74
CA PHE B 440 -18.87 25.82 55.08
C PHE B 440 -18.07 26.31 53.85
N ASN B 441 -18.21 25.65 52.70
CA ASN B 441 -17.37 25.98 51.51
C ASN B 441 -18.26 26.02 50.27
N GLY B 442 -19.58 26.08 50.45
CA GLY B 442 -20.57 25.88 49.37
C GLY B 442 -21.83 25.21 49.89
N TYR B 443 -22.63 24.62 49.01
CA TYR B 443 -23.94 24.02 49.33
C TYR B 443 -24.15 22.81 48.44
N LEU B 444 -24.55 21.70 49.05
CA LEU B 444 -24.98 20.49 48.31
C LEU B 444 -26.48 20.62 48.18
N ILE B 445 -27.03 20.35 47.00
CA ILE B 445 -28.49 20.53 46.72
C ILE B 445 -28.96 19.27 45.99
N THR B 446 -30.22 18.87 46.12
CA THR B 446 -30.72 17.56 45.63
C THR B 446 -30.60 17.44 44.10
N LYS B 447 -30.08 16.31 43.63
CA LYS B 447 -29.89 15.98 42.21
C LYS B 447 -31.11 16.48 41.42
N ASN B 448 -30.91 17.44 40.51
CA ASN B 448 -31.89 17.92 39.49
C ASN B 448 -32.99 18.79 40.12
N ASP B 449 -32.77 19.34 41.32
CA ASP B 449 -33.70 20.30 41.98
C ASP B 449 -33.35 21.72 41.50
N GLU B 450 -33.70 22.05 40.25
CA GLU B 450 -33.43 23.38 39.62
C GLU B 450 -34.06 24.48 40.50
N ASP B 451 -35.17 24.22 41.19
CA ASP B 451 -35.83 25.20 42.11
C ASP B 451 -34.86 25.59 43.25
N ALA B 452 -34.31 24.58 43.94
CA ALA B 452 -33.39 24.75 45.11
C ALA B 452 -32.06 25.36 44.65
N LEU B 453 -31.64 25.04 43.42
CA LEU B 453 -30.38 25.56 42.83
C LEU B 453 -30.47 27.08 42.70
N PHE B 454 -31.58 27.58 42.13
CA PHE B 454 -31.87 29.04 42.05
C PHE B 454 -31.87 29.66 43.46
N ASP B 455 -32.58 29.06 44.43
CA ASP B 455 -32.74 29.67 45.79
C ASP B 455 -31.35 29.86 46.42
N LYS B 456 -30.51 28.82 46.45
CA LYS B 456 -29.20 28.88 47.15
C LYS B 456 -28.24 29.83 46.39
N VAL B 457 -28.18 29.77 45.07
CA VAL B 457 -27.33 30.70 44.26
C VAL B 457 -27.74 32.14 44.52
N LYS B 458 -29.05 32.45 44.45
CA LYS B 458 -29.61 33.82 44.69
C LYS B 458 -29.23 34.30 46.10
N TYR B 459 -29.46 33.46 47.12
CA TYR B 459 -29.13 33.76 48.54
C TYR B 459 -27.67 34.21 48.63
N VAL B 460 -26.74 33.50 47.96
CA VAL B 460 -25.28 33.80 48.05
C VAL B 460 -25.02 35.12 47.30
N ILE B 461 -25.70 35.37 46.19
CA ILE B 461 -25.55 36.67 45.47
C ILE B 461 -26.11 37.80 46.36
N ASP B 462 -27.26 37.58 47.01
CA ASP B 462 -27.95 38.57 47.87
C ASP B 462 -27.10 38.91 49.11
N HIS B 463 -26.13 38.07 49.50
CA HIS B 463 -25.37 38.15 50.78
C HIS B 463 -23.86 37.97 50.57
N PRO B 464 -23.12 39.00 50.11
CA PRO B 464 -21.67 38.91 49.94
C PRO B 464 -20.85 38.59 51.21
N GLU B 465 -21.44 38.80 52.38
CA GLU B 465 -20.80 38.45 53.68
C GLU B 465 -20.74 36.92 53.76
N VAL B 466 -21.77 36.22 53.27
CA VAL B 466 -21.79 34.73 53.15
C VAL B 466 -20.71 34.29 52.14
N GLN B 467 -20.74 34.82 50.91
CA GLN B 467 -19.78 34.41 49.84
C GLN B 467 -18.34 34.48 50.38
N GLN B 468 -17.97 35.56 51.09
CA GLN B 468 -16.62 35.69 51.71
C GLN B 468 -16.38 34.58 52.73
N ARG B 469 -17.38 34.28 53.57
CA ARG B 469 -17.24 33.27 54.63
C ARG B 469 -16.93 31.94 53.97
N LEU B 470 -17.73 31.58 52.96
CA LEU B 470 -17.58 30.31 52.20
C LEU B 470 -16.25 30.31 51.41
N SER B 471 -15.72 31.47 51.04
CA SER B 471 -14.41 31.59 50.36
C SER B 471 -13.28 31.19 51.31
N LYS B 472 -13.34 31.58 52.59
CA LYS B 472 -12.33 31.17 53.61
C LYS B 472 -12.49 29.67 53.88
N GLY B 473 -13.73 29.20 54.00
CA GLY B 473 -14.02 27.77 54.14
C GLY B 473 -13.41 26.97 52.99
N SER B 474 -13.36 27.58 51.80
CA SER B 474 -12.96 26.88 50.55
C SER B 474 -11.46 26.65 50.62
N LEU B 475 -10.71 27.68 50.95
CA LEU B 475 -9.23 27.62 51.07
C LEU B 475 -8.83 26.63 52.17
N ALA B 476 -9.66 26.47 53.20
CA ALA B 476 -9.44 25.55 54.34
C ALA B 476 -9.63 24.10 53.89
N LYS B 477 -10.77 23.80 53.25
CA LYS B 477 -11.07 22.46 52.67
C LYS B 477 -9.97 22.03 51.69
N ALA B 478 -9.52 22.93 50.82
CA ALA B 478 -8.48 22.63 49.81
C ALA B 478 -7.17 22.22 50.49
N GLN B 479 -6.90 22.73 51.71
CA GLN B 479 -5.66 22.42 52.47
C GLN B 479 -5.64 20.93 52.85
N GLN B 480 -6.79 20.32 53.11
CA GLN B 480 -6.93 18.87 53.39
C GLN B 480 -6.47 18.03 52.18
N TYR B 481 -6.38 18.61 50.98
CA TYR B 481 -6.02 17.90 49.72
C TYR B 481 -4.65 18.40 49.21
N SER B 482 -3.76 18.78 50.12
CA SER B 482 -2.44 19.40 49.78
C SER B 482 -1.53 18.43 49.01
N LYS B 483 -0.63 18.98 48.20
CA LYS B 483 0.46 18.23 47.55
C LYS B 483 1.07 17.25 48.56
N ALA B 484 1.39 17.72 49.77
CA ALA B 484 2.10 16.98 50.83
C ALA B 484 1.29 15.78 51.31
N SER B 485 -0.01 15.94 51.55
CA SER B 485 -0.81 14.79 52.03
C SER B 485 -0.99 13.76 50.88
N LEU B 486 -1.06 14.16 49.61
CA LEU B 486 -1.18 13.20 48.48
C LEU B 486 0.14 12.43 48.30
N ILE B 487 1.29 13.11 48.41
CA ILE B 487 2.61 12.44 48.33
C ILE B 487 2.65 11.34 49.40
N LYS B 488 2.23 11.63 50.62
CA LYS B 488 2.26 10.66 51.74
C LYS B 488 1.44 9.42 51.35
N GLN B 489 0.24 9.62 50.81
CA GLN B 489 -0.64 8.47 50.45
C GLN B 489 0.00 7.69 49.30
N TRP B 490 0.63 8.37 48.34
CA TRP B 490 1.25 7.74 47.14
C TRP B 490 2.48 6.93 47.58
N ASP B 491 3.31 7.55 48.42
CA ASP B 491 4.59 6.96 48.86
C ASP B 491 4.29 5.69 49.65
N GLN B 492 3.31 5.73 50.57
CA GLN B 492 2.94 4.54 51.35
C GLN B 492 2.46 3.43 50.39
N PHE B 493 1.63 3.80 49.41
CA PHE B 493 1.04 2.84 48.44
C PHE B 493 2.14 2.09 47.69
N VAL B 494 3.11 2.81 47.16
CA VAL B 494 4.14 2.21 46.27
C VAL B 494 5.08 1.33 47.11
N ARG B 495 5.26 1.64 48.39
CA ARG B 495 6.14 0.86 49.30
C ARG B 495 5.51 -0.49 49.67
N LEU B 496 4.19 -0.63 49.57
CA LEU B 496 3.47 -1.83 50.07
C LEU B 496 2.83 -2.67 48.96
N ILE B 497 2.70 -2.15 47.73
CA ILE B 497 1.79 -2.75 46.69
C ILE B 497 2.48 -3.99 46.07
N LEU B 498 3.80 -4.01 45.94
CA LEU B 498 4.55 -5.19 45.42
C LEU B 498 4.70 -6.23 46.53
N GLU B 499 4.64 -7.53 46.20
CA GLU B 499 5.00 -8.63 47.15
C GLU B 499 6.52 -8.57 47.39
N HIS B 500 6.99 -9.04 48.56
CA HIS B 500 8.23 -8.55 49.23
C HIS B 500 9.43 -9.45 48.92
N SER C 1 -13.90 -27.46 -1.52
CA SER C 1 -13.80 -27.10 -0.09
C SER C 1 -13.38 -25.63 0.07
N ASP C 2 -13.84 -24.99 1.15
CA ASP C 2 -13.56 -23.57 1.50
C ASP C 2 -12.06 -23.31 1.58
N SER C 3 -11.34 -24.37 1.87
CA SER C 3 -9.89 -24.39 2.14
C SER C 3 -9.00 -24.20 0.90
N ASP C 4 -9.56 -24.40 -0.29
CA ASP C 4 -8.78 -24.30 -1.56
C ASP C 4 -8.59 -22.84 -1.96
N SER C 5 -9.37 -21.94 -1.36
CA SER C 5 -9.36 -20.46 -1.52
C SER C 5 -8.04 -19.85 -1.00
N ASP C 6 -7.34 -20.54 -0.10
CA ASP C 6 -6.09 -20.05 0.54
C ASP C 6 -4.98 -19.94 -0.50
N SER C 7 -5.10 -20.70 -1.57
CA SER C 7 -4.00 -20.72 -2.53
C SER C 7 -4.43 -20.10 -3.87
N ASP C 8 -3.52 -19.99 -4.82
CA ASP C 8 -3.86 -19.33 -6.10
C ASP C 8 -3.43 -20.16 -7.32
N SER D 1 -13.44 20.10 -6.38
CA SER D 1 -14.54 19.27 -5.82
C SER D 1 -14.54 19.33 -4.30
N ASP D 2 -15.71 19.15 -3.70
CA ASP D 2 -15.93 19.23 -2.24
C ASP D 2 -15.31 18.03 -1.53
N SER D 3 -15.10 16.93 -2.24
CA SER D 3 -14.54 15.71 -1.62
C SER D 3 -13.02 15.71 -1.63
N ASP D 4 -12.39 16.77 -2.15
CA ASP D 4 -10.92 16.87 -2.30
C ASP D 4 -10.20 16.94 -0.97
N SER D 5 -10.86 17.52 0.02
CA SER D 5 -10.12 17.67 1.28
C SER D 5 -10.83 16.93 2.40
N ASP D 6 -10.26 16.99 3.59
CA ASP D 6 -10.86 16.36 4.79
C ASP D 6 -10.71 17.33 5.96
N1 UDP E . 10.82 -22.55 -32.97
C2 UDP E . 11.58 -23.29 -32.08
N3 UDP E . 11.22 -24.49 -31.69
C4 UDP E . 10.10 -25.01 -32.14
C5 UDP E . 9.32 -24.32 -33.00
C6 UDP E . 9.71 -23.07 -33.40
O2 UDP E . 12.62 -22.81 -31.67
O4 UDP E . 9.73 -26.11 -31.79
C1' UDP E . 11.23 -21.22 -33.39
C2' UDP E . 11.73 -21.22 -34.79
O2' UDP E . 13.08 -21.59 -34.80
C3' UDP E . 11.52 -19.81 -35.24
C4' UDP E . 10.39 -19.29 -34.39
O4' UDP E . 10.16 -20.31 -33.45
O3' UDP E . 12.61 -19.01 -34.88
C5' UDP E . 9.14 -18.99 -35.18
O5' UDP E . 9.30 -17.82 -35.95
PA UDP E . 8.74 -17.59 -37.40
O1A UDP E . 9.19 -16.38 -37.99
O2A UDP E . 8.93 -18.77 -38.16
O3A UDP E . 7.22 -17.39 -37.28
PB UDP E . 6.30 -16.63 -36.27
O1B UDP E . 5.17 -16.57 -37.13
O2B UDP E . 6.68 -15.27 -35.94
O3B UDP E . 6.24 -17.44 -35.09
C1 NAG F . 6.38 -12.96 -36.75
C2 NAG F . 5.79 -13.22 -38.17
C3 NAG F . 6.96 -13.91 -38.93
C4 NAG F . 8.33 -13.18 -38.84
C5 NAG F . 8.61 -12.40 -37.56
C6 NAG F . 9.48 -11.23 -38.03
C7 NAG F . 3.32 -13.85 -38.69
C8 NAG F . 2.90 -12.52 -39.22
N2 NAG F . 4.59 -14.07 -38.24
O1 NAG F . 5.41 -12.67 -35.71
O3 NAG F . 6.68 -14.08 -40.32
O4 NAG F . 9.38 -14.12 -38.88
O5 NAG F . 7.40 -11.95 -36.88
O6 NAG F . 10.32 -10.85 -36.97
O7 NAG F . 2.47 -14.75 -38.69
N1 UDP G . -10.19 22.21 32.26
C2 UDP G . -9.19 23.10 31.81
N3 UDP G . -9.48 24.17 31.09
C4 UDP G . -10.76 24.43 30.77
C5 UDP G . -11.79 23.59 31.19
C6 UDP G . -11.48 22.48 31.97
O2 UDP G . -7.99 22.90 32.09
O4 UDP G . -10.98 25.46 30.07
C1' UDP G . -9.78 21.07 33.08
C2' UDP G . -10.17 21.24 34.55
O2' UDP G . -9.39 22.22 35.24
C3' UDP G . -9.97 19.82 35.06
C4' UDP G . -10.46 19.00 33.87
O4' UDP G . -10.35 19.83 32.71
O3' UDP G . -8.58 19.60 35.37
C5' UDP G . -11.91 18.54 33.94
O5' UDP G . -11.97 17.29 34.63
PA UDP G . -12.85 17.07 35.96
O1A UDP G . -13.39 18.34 36.53
O2A UDP G . -12.14 16.07 36.86
O3A UDP G . -14.13 16.30 35.38
PB UDP G . -14.28 15.61 33.92
O1B UDP G . -14.31 16.70 32.87
O2B UDP G . -13.17 14.61 33.75
O3B UDP G . -15.56 14.97 34.37
C1 NAG H . -13.30 11.84 34.96
C2 NAG H . -14.53 11.97 35.89
C3 NAG H . -14.20 13.08 36.92
C4 NAG H . -12.95 12.75 37.73
C5 NAG H . -11.74 12.39 36.85
C6 NAG H . -10.90 11.43 37.65
C7 NAG H . -16.98 11.81 35.02
C8 NAG H . -17.44 10.70 35.90
N2 NAG H . -15.72 12.30 35.07
O1 NAG H . -13.53 10.71 34.12
O3 NAG H . -15.28 13.38 37.82
O4 NAG H . -12.58 13.89 38.49
O5 NAG H . -12.00 11.72 35.60
O6 NAG H . -9.63 11.58 37.08
O7 NAG H . -17.80 12.28 34.23
C1 NAG I . -8.79 -25.53 5.11
C2 NAG I . -8.56 -25.94 6.64
C3 NAG I . -9.82 -25.93 7.44
C4 NAG I . -10.41 -24.55 7.39
C5 NAG I . -10.41 -24.00 5.98
C6 NAG I . -10.58 -22.52 6.13
C7 NAG I . -6.62 -27.24 6.63
C8 NAG I . -5.98 -28.51 6.23
N2 NAG I . -7.93 -27.21 6.56
O3 NAG I . -9.37 -26.18 8.73
O4 NAG I . -11.72 -24.53 7.91
O5 NAG I . -9.19 -24.19 5.31
O6 NAG I . -11.62 -22.01 5.33
O7 NAG I . -5.99 -26.31 7.03
C1 NAG J . -3.85 -23.46 -4.49
C2 NAG J . -5.15 -24.10 -5.17
C3 NAG J . -5.66 -25.19 -4.29
C4 NAG J . -4.63 -26.26 -4.29
C5 NAG J . -3.27 -25.67 -4.08
C6 NAG J . -2.22 -26.71 -4.36
C7 NAG J . -6.69 -22.81 -6.33
C8 NAG J . -5.83 -22.84 -7.53
N2 NAG J . -6.14 -23.11 -5.22
O3 NAG J . -6.87 -25.67 -4.82
O4 NAG J . -4.87 -27.08 -3.17
O5 NAG J . -3.04 -24.54 -4.87
O6 NAG J . -2.01 -26.81 -5.73
O7 NAG J . -7.84 -22.53 -6.36
C1 NAG K . -11.82 20.10 3.02
C2 NAG K . -13.38 20.12 3.37
C3 NAG K . -14.12 21.08 2.49
C4 NAG K . -13.60 22.45 2.80
C5 NAG K . -12.11 22.35 2.78
C6 NAG K . -11.50 23.70 3.03
C7 NAG K . -14.57 18.17 4.06
C8 NAG K . -14.32 18.48 5.49
N2 NAG K . -13.90 18.80 3.16
O3 NAG K . -15.50 20.92 2.74
O4 NAG K . -13.88 23.33 1.74
O5 NAG K . -11.65 21.33 3.65
O6 NAG K . -11.98 24.19 4.25
O7 NAG K . -15.37 17.36 3.74
#